data_4RY8
#
_entry.id   4RY8
#
_cell.length_a   57.622
_cell.length_b   67.848
_cell.length_c   83.653
_cell.angle_alpha   91.83
_cell.angle_beta   92.39
_cell.angle_gamma   89.93
#
_symmetry.space_group_name_H-M   'P 1'
#
loop_
_entity.id
_entity.type
_entity.pdbx_description
1 polymer 'Periplasmic binding protein'
2 non-polymer 5-S-methyl-5-thio-alpha-D-ribofuranose
3 water water
#
_entity_poly.entity_id   1
_entity_poly.type   'polypeptide(L)'
_entity_poly.pdbx_seq_one_letter_code
;SMQVQLPKKFENPKNVRIALVREVGEGSFFERYLAGAQSMARELGVTLLEATAHGDMARMVTMIENFITQRVDAIIIDHG
RPDPLMPKIKEALDRGIRVVTFDLVVDDNRVPEIEQDDLLIGYLISKQLAVDFAGNANVIYVNVGGFAPLDKRDKMWQII
KWRFPGIKEVAKIGAVTGSTAADTQTRMEAAMKEKPEANAVLAMWDEFAKGAVRAIMQAGKSDQFKVYSVDVTTEDIQMM
IQQNSPWVATVGTDSYAVGRLAVRAAAALVGGEKLPKYLLVEPQLITRQFLVDNNITNMDELVKALPALGESNLVWPEWL
KALTEKNKK
;
_entity_poly.pdbx_strand_id   A,B,C,D
#
# COMPACT_ATOMS: atom_id res chain seq x y z
N PRO A 13 36.46 -29.57 15.34
CA PRO A 13 36.20 -30.91 14.90
C PRO A 13 35.03 -31.07 13.92
N LYS A 14 35.02 -32.22 13.25
CA LYS A 14 33.95 -32.60 12.33
C LYS A 14 32.83 -33.31 13.07
N ASN A 15 32.99 -33.43 14.39
CA ASN A 15 31.87 -33.76 15.28
C ASN A 15 30.75 -32.75 15.08
N VAL A 16 31.12 -31.49 14.84
CA VAL A 16 30.15 -30.43 14.58
C VAL A 16 29.55 -30.61 13.19
N ARG A 17 28.28 -30.98 13.14
CA ARG A 17 27.55 -31.13 11.88
C ARG A 17 26.56 -29.99 11.69
N ILE A 18 26.75 -29.27 10.59
CA ILE A 18 25.91 -28.17 10.19
C ILE A 18 25.24 -28.57 8.89
N ALA A 19 23.91 -28.49 8.86
CA ALA A 19 23.12 -28.84 7.68
C ALA A 19 22.71 -27.59 6.98
N LEU A 20 22.85 -27.56 5.67
CA LEU A 20 22.35 -26.50 4.85
C LEU A 20 21.12 -27.03 4.08
N VAL A 21 19.93 -26.51 4.35
CA VAL A 21 18.70 -26.94 3.64
C VAL A 21 18.21 -25.82 2.76
N ARG A 22 18.16 -26.07 1.45
CA ARG A 22 17.81 -25.01 0.49
C ARG A 22 16.57 -25.30 -0.29
N GLU A 23 15.86 -24.26 -0.67
CA GLU A 23 14.71 -24.39 -1.53
C GLU A 23 15.17 -24.44 -3.00
N VAL A 24 16.15 -23.61 -3.33
CA VAL A 24 16.50 -23.31 -4.72
C VAL A 24 17.99 -23.45 -4.84
N GLY A 25 18.44 -24.06 -5.93
CA GLY A 25 19.88 -24.11 -6.22
C GLY A 25 20.32 -23.74 -7.61
N GLU A 26 19.41 -23.31 -8.48
CA GLU A 26 19.80 -23.01 -9.87
C GLU A 26 20.55 -21.68 -10.04
N GLY A 27 21.52 -21.68 -10.95
CA GLY A 27 22.19 -20.44 -11.34
C GLY A 27 23.47 -20.20 -10.55
N SER A 28 24.35 -19.40 -11.15
CA SER A 28 25.64 -19.09 -10.56
C SER A 28 25.53 -18.42 -9.18
N PHE A 29 24.51 -17.61 -8.92
CA PHE A 29 24.41 -16.99 -7.59
C PHE A 29 24.36 -18.06 -6.50
N PHE A 30 23.43 -19.00 -6.63
CA PHE A 30 23.32 -20.07 -5.66
C PHE A 30 24.52 -21.02 -5.67
N GLU A 31 25.10 -21.29 -6.84
CA GLU A 31 26.29 -22.15 -6.90
C GLU A 31 27.48 -21.54 -6.16
N ARG A 32 27.65 -20.24 -6.26
CA ARG A 32 28.77 -19.58 -5.60
CA ARG A 32 28.75 -19.52 -5.59
C ARG A 32 28.53 -19.48 -4.09
N TYR A 33 27.31 -19.22 -3.70
CA TYR A 33 26.98 -19.26 -2.26
C TYR A 33 27.34 -20.63 -1.71
N LEU A 34 26.91 -21.68 -2.42
CA LEU A 34 27.22 -23.05 -2.02
C LEU A 34 28.71 -23.28 -1.85
N ALA A 35 29.50 -22.80 -2.82
CA ALA A 35 30.97 -22.94 -2.76
C ALA A 35 31.55 -22.19 -1.56
N GLY A 36 31.06 -20.97 -1.36
CA GLY A 36 31.29 -20.14 -0.20
C GLY A 36 31.17 -20.89 1.11
N ALA A 37 30.03 -21.54 1.27
CA ALA A 37 29.72 -22.27 2.49
C ALA A 37 30.64 -23.46 2.70
N GLN A 38 30.85 -24.24 1.64
CA GLN A 38 31.80 -25.36 1.66
C GLN A 38 33.21 -24.89 2.03
N SER A 39 33.59 -23.74 1.48
CA SER A 39 34.92 -23.20 1.74
C SER A 39 35.06 -22.79 3.21
N MET A 40 34.00 -22.23 3.80
CA MET A 40 34.03 -21.84 5.22
C MET A 40 34.01 -23.03 6.15
N ALA A 41 33.22 -24.04 5.80
CA ALA A 41 33.17 -25.28 6.57
C ALA A 41 34.55 -25.90 6.61
N ARG A 42 35.19 -25.94 5.44
CA ARG A 42 36.54 -26.58 5.36
C ARG A 42 37.56 -25.85 6.25
N GLU A 43 37.46 -24.53 6.33
CA GLU A 43 38.39 -23.72 7.15
C GLU A 43 38.19 -23.94 8.66
N LEU A 44 36.94 -24.11 9.07
CA LEU A 44 36.63 -24.41 10.46
C LEU A 44 36.96 -25.84 10.76
N GLY A 45 36.83 -26.69 9.74
CA GLY A 45 37.06 -28.11 9.87
C GLY A 45 35.82 -28.82 10.35
N VAL A 46 34.65 -28.25 10.09
CA VAL A 46 33.39 -28.89 10.45
C VAL A 46 32.80 -29.65 9.27
N THR A 47 31.77 -30.44 9.57
CA THR A 47 31.04 -31.23 8.59
C THR A 47 29.78 -30.51 8.09
N LEU A 48 29.78 -30.13 6.81
CA LEU A 48 28.61 -29.52 6.19
C LEU A 48 27.77 -30.56 5.43
N LEU A 49 26.52 -30.72 5.84
CA LEU A 49 25.53 -31.54 5.08
C LEU A 49 24.59 -30.65 4.26
N GLU A 50 24.36 -31.01 3.01
CA GLU A 50 23.60 -30.21 2.07
C GLU A 50 22.36 -31.03 1.67
N ALA A 51 21.23 -30.35 1.47
CA ALA A 51 20.02 -30.92 0.85
C ALA A 51 19.27 -29.79 0.15
N THR A 52 18.62 -30.09 -0.97
CA THR A 52 18.00 -29.07 -1.76
C THR A 52 16.71 -29.62 -2.27
N ALA A 53 15.66 -28.81 -2.18
CA ALA A 53 14.32 -29.25 -2.46
C ALA A 53 13.83 -28.89 -3.85
N HIS A 54 14.51 -27.99 -4.54
CA HIS A 54 14.12 -27.55 -5.90
C HIS A 54 12.66 -27.18 -6.02
N GLY A 55 12.18 -26.35 -5.10
CA GLY A 55 10.87 -25.74 -5.21
C GLY A 55 9.75 -26.52 -4.53
N ASP A 56 10.04 -27.73 -4.08
CA ASP A 56 9.00 -28.60 -3.51
C ASP A 56 8.98 -28.44 -1.96
N MET A 57 8.01 -27.68 -1.48
CA MET A 57 7.96 -27.36 -0.05
C MET A 57 7.76 -28.59 0.84
N ALA A 58 7.01 -29.59 0.37
CA ALA A 58 6.90 -30.88 1.08
C ALA A 58 8.24 -31.61 1.24
N ARG A 59 9.00 -31.70 0.16
CA ARG A 59 10.31 -32.27 0.22
C ARG A 59 11.23 -31.46 1.17
N MET A 60 11.10 -30.13 1.18
CA MET A 60 11.90 -29.28 2.08
C MET A 60 11.62 -29.57 3.56
N VAL A 61 10.35 -29.76 3.91
CA VAL A 61 9.95 -30.11 5.28
C VAL A 61 10.60 -31.43 5.69
N THR A 62 10.45 -32.46 4.84
CA THR A 62 11.02 -33.78 5.16
C THR A 62 12.54 -33.73 5.28
N MET A 63 13.20 -32.93 4.46
CA MET A 63 14.66 -32.77 4.58
C MET A 63 15.05 -32.17 5.93
N ILE A 64 14.23 -31.26 6.44
CA ILE A 64 14.55 -30.63 7.73
C ILE A 64 14.33 -31.66 8.82
N GLU A 65 13.32 -32.50 8.68
CA GLU A 65 13.10 -33.60 9.60
C GLU A 65 14.31 -34.54 9.67
N ASN A 66 14.91 -34.85 8.53
CA ASN A 66 16.03 -35.80 8.51
C ASN A 66 17.10 -35.24 9.40
N PHE A 67 17.36 -33.94 9.27
CA PHE A 67 18.42 -33.33 10.06
C PHE A 67 18.07 -33.23 11.54
N ILE A 68 16.78 -33.07 11.87
CA ILE A 68 16.36 -33.10 13.28
C ILE A 68 16.59 -34.52 13.84
N THR A 69 16.20 -35.53 13.07
CA THR A 69 16.43 -36.92 13.48
C THR A 69 17.89 -37.24 13.64
N GLN A 70 18.71 -36.77 12.70
CA GLN A 70 20.17 -36.95 12.82
C GLN A 70 20.80 -36.12 13.94
N ARG A 71 20.02 -35.23 14.57
CA ARG A 71 20.50 -34.41 15.65
C ARG A 71 21.79 -33.68 15.24
N VAL A 72 21.77 -33.00 14.10
CA VAL A 72 22.85 -32.08 13.74
C VAL A 72 22.98 -30.96 14.81
N ASP A 73 24.15 -30.34 14.86
CA ASP A 73 24.40 -29.24 15.76
C ASP A 73 23.63 -27.96 15.33
N ALA A 74 23.54 -27.69 14.03
CA ALA A 74 22.79 -26.55 13.54
C ALA A 74 22.18 -26.80 12.17
N ILE A 75 21.08 -26.11 11.87
CA ILE A 75 20.49 -26.09 10.53
C ILE A 75 20.51 -24.66 9.96
N ILE A 76 20.90 -24.51 8.70
CA ILE A 76 20.75 -23.24 8.01
C ILE A 76 19.60 -23.42 7.03
N ILE A 77 18.54 -22.63 7.16
CA ILE A 77 17.43 -22.69 6.26
C ILE A 77 17.53 -21.56 5.27
N ASP A 78 17.54 -21.96 4.00
CA ASP A 78 17.85 -21.11 2.91
C ASP A 78 16.59 -21.01 2.00
N HIS A 79 16.04 -19.82 1.94
CA HIS A 79 14.78 -19.58 1.27
C HIS A 79 13.72 -20.41 1.92
N GLY A 80 12.63 -20.73 1.20
CA GLY A 80 11.53 -21.41 1.83
C GLY A 80 10.42 -20.43 2.11
N ARG A 81 9.28 -20.93 2.59
CA ARG A 81 8.15 -20.07 2.99
C ARG A 81 7.86 -20.34 4.46
N PRO A 82 7.51 -19.27 5.21
CA PRO A 82 7.49 -19.41 6.66
C PRO A 82 6.46 -20.40 7.08
N ASP A 83 5.37 -20.35 6.33
CA ASP A 83 4.16 -20.95 6.75
C ASP A 83 4.43 -22.47 6.88
N PRO A 84 4.98 -23.13 5.83
CA PRO A 84 5.25 -24.59 6.03
C PRO A 84 6.44 -24.92 6.99
N LEU A 85 7.49 -24.14 6.96
CA LEU A 85 8.67 -24.45 7.77
C LEU A 85 8.57 -24.10 9.28
N MET A 86 7.65 -23.22 9.66
CA MET A 86 7.69 -22.63 11.01
C MET A 86 7.66 -23.65 12.15
N PRO A 87 6.73 -24.63 12.13
CA PRO A 87 6.73 -25.63 13.21
C PRO A 87 7.95 -26.56 13.23
N LYS A 88 8.53 -26.81 12.07
CA LYS A 88 9.76 -27.59 11.97
C LYS A 88 10.96 -26.83 12.60
N ILE A 89 11.01 -25.53 12.36
CA ILE A 89 12.00 -24.67 12.99
C ILE A 89 11.82 -24.63 14.50
N LYS A 90 10.58 -24.51 14.98
CA LYS A 90 10.32 -24.50 16.43
C LYS A 90 10.72 -25.81 17.07
N GLU A 91 10.41 -26.90 16.39
CA GLU A 91 10.74 -28.22 16.92
C GLU A 91 12.25 -28.35 17.04
N ALA A 92 12.96 -27.94 16.00
CA ALA A 92 14.39 -28.04 15.97
C ALA A 92 14.98 -27.24 17.12
N LEU A 93 14.52 -25.99 17.29
CA LEU A 93 14.98 -25.14 18.39
C LEU A 93 14.77 -25.74 19.76
N ASP A 94 13.57 -26.30 19.97
CA ASP A 94 13.24 -26.98 21.22
C ASP A 94 14.14 -28.20 21.57
N ARG A 95 14.76 -28.80 20.55
CA ARG A 95 15.60 -29.98 20.73
C ARG A 95 17.07 -29.61 20.90
N GLY A 96 17.39 -28.30 20.88
CA GLY A 96 18.74 -27.82 21.11
C GLY A 96 19.56 -27.62 19.83
N ILE A 97 18.93 -27.77 18.67
CA ILE A 97 19.55 -27.50 17.39
C ILE A 97 19.49 -26.00 17.16
N ARG A 98 20.62 -25.41 16.82
CA ARG A 98 20.65 -24.00 16.58
C ARG A 98 20.15 -23.79 15.14
N VAL A 99 19.54 -22.64 14.87
CA VAL A 99 18.99 -22.38 13.54
C VAL A 99 19.32 -20.99 13.10
N VAL A 100 19.73 -20.82 11.87
CA VAL A 100 19.94 -19.50 11.29
C VAL A 100 19.31 -19.55 9.96
N THR A 101 18.78 -18.44 9.45
CA THR A 101 18.26 -18.44 8.11
C THR A 101 18.95 -17.49 7.18
N PHE A 102 18.84 -17.81 5.89
CA PHE A 102 19.15 -16.91 4.84
C PHE A 102 17.84 -16.79 4.02
N ASP A 103 17.40 -15.56 3.82
CA ASP A 103 16.24 -15.31 2.95
C ASP A 103 15.00 -15.98 3.43
N LEU A 104 14.79 -15.94 4.76
CA LEU A 104 13.49 -16.42 5.38
C LEU A 104 13.26 -15.65 6.66
N VAL A 105 12.06 -15.06 6.77
CA VAL A 105 11.72 -14.19 7.92
C VAL A 105 11.13 -15.11 8.98
N VAL A 106 11.68 -15.15 10.18
CA VAL A 106 11.07 -15.96 11.24
C VAL A 106 10.92 -15.18 12.53
N ASP A 107 9.72 -15.30 13.07
CA ASP A 107 9.32 -14.62 14.26
C ASP A 107 9.79 -15.38 15.49
N ASP A 108 11.10 -15.41 15.72
CA ASP A 108 11.63 -16.05 16.93
C ASP A 108 12.98 -15.46 17.16
N ASN A 109 13.19 -14.92 18.34
CA ASN A 109 14.41 -14.21 18.66
C ASN A 109 15.64 -15.09 18.76
N ARG A 110 15.46 -16.40 18.71
CA ARG A 110 16.57 -17.33 18.71
C ARG A 110 17.22 -17.52 17.34
N VAL A 111 16.56 -17.07 16.27
CA VAL A 111 16.97 -17.35 14.91
C VAL A 111 17.49 -16.10 14.24
N PRO A 112 18.82 -15.95 14.14
CA PRO A 112 19.34 -14.85 13.35
C PRO A 112 18.94 -14.99 11.91
N GLU A 113 18.63 -13.87 11.29
CA GLU A 113 18.28 -13.84 9.89
C GLU A 113 19.34 -13.09 9.09
N ILE A 114 19.88 -13.79 8.08
CA ILE A 114 20.84 -13.23 7.16
C ILE A 114 20.11 -12.79 5.92
N GLU A 115 20.35 -11.57 5.47
CA GLU A 115 19.88 -11.15 4.14
C GLU A 115 20.78 -10.11 3.54
N GLN A 116 20.59 -9.85 2.27
CA GLN A 116 21.43 -8.90 1.60
C GLN A 116 20.96 -7.43 1.67
N ASP A 117 20.19 -7.10 2.71
CA ASP A 117 19.45 -5.84 2.83
C ASP A 117 18.52 -5.65 1.63
N ASP A 118 17.57 -6.55 1.45
CA ASP A 118 16.73 -6.57 0.24
C ASP A 118 15.86 -5.34 -0.03
N LEU A 119 15.41 -4.69 1.03
CA LEU A 119 14.72 -3.42 0.92
C LEU A 119 15.67 -2.37 0.29
N LEU A 120 16.93 -2.29 0.75
CA LEU A 120 17.83 -1.37 0.14
C LEU A 120 18.07 -1.73 -1.31
N ILE A 121 18.21 -3.03 -1.61
CA ILE A 121 18.52 -3.50 -2.95
C ILE A 121 17.36 -3.09 -3.83
N GLY A 122 16.11 -3.33 -3.38
CA GLY A 122 15.02 -3.05 -4.24
C GLY A 122 14.91 -1.55 -4.49
N TYR A 123 15.31 -0.75 -3.49
CA TYR A 123 15.34 0.68 -3.61
C TYR A 123 16.46 1.16 -4.52
N LEU A 124 17.69 0.72 -4.29
CA LEU A 124 18.76 1.17 -5.19
C LEU A 124 18.54 0.85 -6.67
N ILE A 125 18.14 -0.36 -6.99
CA ILE A 125 18.03 -0.69 -8.40
C ILE A 125 16.79 -0.02 -9.05
N SER A 126 15.67 0.08 -8.32
CA SER A 126 14.49 0.72 -8.92
C SER A 126 14.70 2.23 -9.17
N LYS A 127 15.34 2.91 -8.21
CA LYS A 127 15.68 4.35 -8.33
C LYS A 127 16.65 4.56 -9.48
N GLN A 128 17.56 3.62 -9.68
CA GLN A 128 18.60 3.77 -10.72
C GLN A 128 17.87 3.81 -12.04
N LEU A 129 16.95 2.88 -12.24
CA LEU A 129 16.12 2.88 -13.44
C LEU A 129 15.42 4.24 -13.57
N ALA A 130 14.75 4.67 -12.51
CA ALA A 130 13.96 5.92 -12.47
C ALA A 130 14.70 7.18 -12.86
N VAL A 131 15.81 7.43 -12.19
CA VAL A 131 16.70 8.52 -12.50
C VAL A 131 17.33 8.47 -13.92
N ASP A 132 17.73 7.30 -14.39
CA ASP A 132 18.33 7.16 -15.71
C ASP A 132 17.35 7.56 -16.79
N PHE A 133 16.06 7.31 -16.51
CA PHE A 133 14.99 7.66 -17.44
C PHE A 133 14.32 9.01 -17.11
N ALA A 134 14.92 9.82 -16.22
CA ALA A 134 14.32 11.10 -15.77
C ALA A 134 12.82 10.90 -15.48
N GLY A 135 12.49 9.78 -14.84
CA GLY A 135 11.14 9.52 -14.37
C GLY A 135 10.06 9.13 -15.36
N ASN A 136 10.42 8.89 -16.63
CA ASN A 136 9.51 8.43 -17.65
C ASN A 136 10.05 7.20 -18.37
N ALA A 137 9.45 6.04 -18.12
CA ALA A 137 9.81 4.79 -18.77
C ALA A 137 8.64 3.83 -18.78
N ASN A 138 8.64 2.95 -19.79
CA ASN A 138 7.72 1.81 -19.86
C ASN A 138 8.44 0.48 -19.50
N VAL A 139 8.11 -0.03 -18.32
CA VAL A 139 8.87 -1.07 -17.73
C VAL A 139 8.17 -2.40 -17.77
N ILE A 140 8.90 -3.36 -18.35
CA ILE A 140 8.69 -4.81 -18.18
C ILE A 140 9.34 -5.25 -16.89
N TYR A 141 8.51 -5.65 -15.93
CA TYR A 141 8.96 -6.03 -14.58
C TYR A 141 9.15 -7.53 -14.51
N VAL A 142 10.35 -8.00 -14.13
CA VAL A 142 10.59 -9.46 -14.04
C VAL A 142 10.82 -9.88 -12.58
N ASN A 143 9.78 -10.49 -12.02
CA ASN A 143 9.77 -10.88 -10.62
C ASN A 143 8.59 -11.75 -10.37
N VAL A 144 8.58 -12.41 -9.22
CA VAL A 144 7.49 -13.31 -8.84
C VAL A 144 7.37 -13.34 -7.33
N GLY A 145 6.18 -13.59 -6.86
CA GLY A 145 5.90 -13.65 -5.44
C GLY A 145 6.23 -14.98 -4.81
N GLY A 146 6.37 -14.96 -3.49
CA GLY A 146 6.50 -16.19 -2.71
C GLY A 146 7.95 -16.51 -2.38
N PHE A 147 8.84 -15.55 -2.63
CA PHE A 147 10.25 -15.63 -2.19
C PHE A 147 10.57 -14.36 -1.39
N ALA A 148 11.09 -14.56 -0.18
CA ALA A 148 11.39 -13.48 0.75
C ALA A 148 12.15 -12.33 0.12
N PRO A 149 13.31 -12.61 -0.48
CA PRO A 149 14.02 -11.52 -1.10
C PRO A 149 13.26 -10.82 -2.24
N LEU A 150 12.61 -11.59 -3.07
CA LEU A 150 11.78 -11.06 -4.16
C LEU A 150 10.59 -10.19 -3.71
N ASP A 151 9.90 -10.58 -2.64
CA ASP A 151 8.81 -9.80 -2.04
C ASP A 151 9.25 -8.48 -1.40
N LYS A 152 10.41 -8.51 -0.74
CA LYS A 152 11.05 -7.34 -0.20
C LYS A 152 11.46 -6.34 -1.28
N ARG A 153 12.10 -6.83 -2.34
CA ARG A 153 12.48 -5.97 -3.44
C ARG A 153 11.17 -5.46 -4.09
N ASP A 154 10.19 -6.33 -4.19
CA ASP A 154 8.95 -5.88 -4.85
C ASP A 154 8.37 -4.61 -4.19
N LYS A 155 8.32 -4.57 -2.84
CA LYS A 155 7.73 -3.46 -2.10
C LYS A 155 8.32 -2.11 -2.52
N MET A 156 9.61 -2.12 -2.79
CA MET A 156 10.28 -0.92 -3.12
C MET A 156 10.04 -0.51 -4.55
N TRP A 157 9.89 -1.46 -5.47
CA TRP A 157 9.43 -1.17 -6.81
C TRP A 157 8.10 -0.40 -6.71
N GLN A 158 7.21 -0.88 -5.87
CA GLN A 158 5.88 -0.22 -5.73
C GLN A 158 6.04 1.25 -5.26
N ILE A 159 7.02 1.51 -4.38
CA ILE A 159 7.26 2.84 -3.86
C ILE A 159 7.85 3.73 -4.95
N ILE A 160 8.79 3.19 -5.77
CA ILE A 160 9.30 3.94 -6.90
C ILE A 160 8.19 4.30 -7.88
N LYS A 161 7.26 3.39 -8.13
CA LYS A 161 6.13 3.78 -9.01
C LYS A 161 5.26 4.92 -8.44
N TRP A 162 5.12 4.96 -7.12
CA TRP A 162 4.43 6.04 -6.42
C TRP A 162 5.18 7.39 -6.54
N ARG A 163 6.51 7.38 -6.29
CA ARG A 163 7.29 8.62 -6.24
C ARG A 163 7.51 9.22 -7.64
N PHE A 164 7.68 8.33 -8.61
CA PHE A 164 7.94 8.67 -10.01
C PHE A 164 6.81 8.10 -10.90
N PRO A 165 5.68 8.83 -11.00
CA PRO A 165 4.52 8.23 -11.70
C PRO A 165 4.59 8.14 -13.22
N GLY A 166 5.64 8.68 -13.83
CA GLY A 166 5.93 8.40 -15.23
C GLY A 166 6.65 7.07 -15.46
N ILE A 167 7.05 6.38 -14.38
CA ILE A 167 7.70 5.06 -14.45
C ILE A 167 6.56 4.05 -14.35
N LYS A 168 6.20 3.44 -15.48
CA LYS A 168 4.97 2.65 -15.59
C LYS A 168 5.32 1.19 -15.79
N GLU A 169 4.67 0.31 -15.05
CA GLU A 169 4.80 -1.10 -15.26
C GLU A 169 3.86 -1.41 -16.41
N VAL A 170 4.40 -1.78 -17.56
CA VAL A 170 3.60 -2.23 -18.68
C VAL A 170 3.43 -3.74 -18.73
N ALA A 171 4.30 -4.50 -18.05
CA ALA A 171 4.20 -5.97 -17.92
C ALA A 171 4.86 -6.49 -16.68
N LYS A 172 4.35 -7.60 -16.15
CA LYS A 172 5.05 -8.37 -15.10
C LYS A 172 5.16 -9.81 -15.57
N ILE A 173 6.37 -10.31 -15.70
CA ILE A 173 6.59 -11.66 -16.15
C ILE A 173 7.56 -12.34 -15.20
N GLY A 174 7.60 -13.66 -15.30
CA GLY A 174 8.58 -14.45 -14.60
C GLY A 174 7.99 -15.49 -13.69
N ALA A 175 8.72 -16.60 -13.67
CA ALA A 175 8.44 -17.74 -12.82
C ALA A 175 9.78 -18.43 -12.54
N VAL A 176 9.91 -18.99 -11.34
CA VAL A 176 11.05 -19.81 -10.95
C VAL A 176 10.77 -21.27 -11.26
N THR A 177 11.44 -21.80 -12.27
CA THR A 177 11.15 -23.12 -12.83
C THR A 177 12.27 -24.17 -12.66
N GLY A 178 13.47 -23.76 -12.26
CA GLY A 178 14.63 -24.65 -12.41
C GLY A 178 15.34 -24.58 -13.75
N SER A 179 14.74 -23.93 -14.73
CA SER A 179 15.39 -23.47 -15.95
C SER A 179 14.97 -22.01 -16.19
N THR A 180 15.20 -21.19 -15.17
CA THR A 180 14.55 -19.87 -15.14
C THR A 180 15.05 -18.94 -16.20
N ALA A 181 16.36 -18.86 -16.40
CA ALA A 181 16.92 -18.02 -17.47
C ALA A 181 16.35 -18.34 -18.84
N ALA A 182 16.30 -19.65 -19.16
CA ALA A 182 15.77 -20.16 -20.40
C ALA A 182 14.24 -19.89 -20.54
N ASP A 183 13.52 -20.05 -19.47
CA ASP A 183 12.08 -19.80 -19.56
C ASP A 183 11.76 -18.29 -19.60
N THR A 184 12.56 -17.49 -18.94
CA THR A 184 12.39 -16.02 -18.92
C THR A 184 12.71 -15.49 -20.33
N GLN A 185 13.66 -16.12 -21.06
CA GLN A 185 13.98 -15.68 -22.40
C GLN A 185 12.77 -15.83 -23.31
N THR A 186 12.14 -16.98 -23.27
CA THR A 186 10.93 -17.27 -24.03
C THR A 186 9.79 -16.25 -23.72
N ARG A 187 9.52 -16.05 -22.43
CA ARG A 187 8.53 -15.05 -21.97
C ARG A 187 8.86 -13.68 -22.48
N MET A 188 10.14 -13.28 -22.39
CA MET A 188 10.52 -11.96 -22.82
C MET A 188 10.30 -11.76 -24.34
N GLU A 189 10.49 -12.81 -25.15
CA GLU A 189 10.26 -12.71 -26.57
C GLU A 189 8.79 -12.48 -26.89
N ALA A 190 7.88 -13.06 -26.11
CA ALA A 190 6.43 -12.75 -26.25
C ALA A 190 6.09 -11.38 -25.68
N ALA A 191 6.71 -11.02 -24.55
CA ALA A 191 6.42 -9.74 -23.90
C ALA A 191 6.76 -8.52 -24.79
N MET A 192 7.79 -8.62 -25.63
CA MET A 192 8.26 -7.53 -26.49
C MET A 192 7.30 -7.30 -27.64
N LYS A 193 6.66 -8.36 -28.11
CA LYS A 193 5.60 -8.25 -29.10
C LYS A 193 4.30 -7.73 -28.51
N GLU A 194 3.91 -8.23 -27.32
CA GLU A 194 2.71 -7.77 -26.64
C GLU A 194 2.81 -6.29 -26.23
N LYS A 195 4.02 -5.84 -25.86
CA LYS A 195 4.25 -4.50 -25.30
C LYS A 195 5.37 -3.74 -26.02
N PRO A 196 5.09 -3.33 -27.26
CA PRO A 196 6.10 -2.72 -28.10
C PRO A 196 6.56 -1.37 -27.58
N GLU A 197 5.77 -0.72 -26.72
CA GLU A 197 6.17 0.56 -26.11
C GLU A 197 7.25 0.40 -25.04
N ALA A 198 7.51 -0.84 -24.56
CA ALA A 198 8.42 -1.05 -23.42
C ALA A 198 9.82 -0.65 -23.81
N ASN A 199 10.53 -0.02 -22.89
CA ASN A 199 11.90 0.39 -23.16
C ASN A 199 12.84 0.16 -21.99
N ALA A 200 12.38 -0.52 -20.96
CA ALA A 200 13.24 -0.85 -19.83
C ALA A 200 12.82 -2.16 -19.25
N VAL A 201 13.76 -2.85 -18.61
CA VAL A 201 13.54 -4.12 -17.90
C VAL A 201 14.13 -4.03 -16.50
N LEU A 202 13.32 -4.41 -15.53
CA LEU A 202 13.72 -4.44 -14.14
C LEU A 202 13.53 -5.89 -13.66
N ALA A 203 14.63 -6.56 -13.40
CA ALA A 203 14.61 -8.02 -13.19
C ALA A 203 15.20 -8.27 -11.85
N MET A 204 14.44 -8.86 -10.94
CA MET A 204 14.89 -8.92 -9.55
C MET A 204 15.73 -10.18 -9.11
N TRP A 205 16.21 -10.93 -10.07
CA TRP A 205 17.20 -12.01 -9.86
C TRP A 205 18.02 -12.06 -11.14
N ASP A 206 19.33 -12.27 -11.06
CA ASP A 206 20.17 -12.25 -12.25
C ASP A 206 19.77 -13.33 -13.24
N GLU A 207 19.15 -14.42 -12.77
CA GLU A 207 18.71 -15.48 -13.71
C GLU A 207 17.52 -14.97 -14.60
N PHE A 208 16.64 -14.17 -14.01
CA PHE A 208 15.60 -13.46 -14.78
C PHE A 208 16.27 -12.52 -15.81
N ALA A 209 17.24 -11.75 -15.35
CA ALA A 209 17.89 -10.75 -16.19
C ALA A 209 18.60 -11.33 -17.41
N LYS A 210 19.35 -12.41 -17.17
CA LYS A 210 20.05 -13.16 -18.19
C LYS A 210 19.10 -13.56 -19.30
N GLY A 211 17.94 -14.09 -18.96
CA GLY A 211 16.97 -14.48 -20.00
C GLY A 211 16.48 -13.28 -20.79
N ALA A 212 16.13 -12.21 -20.07
CA ALA A 212 15.62 -10.97 -20.66
C ALA A 212 16.58 -10.40 -21.70
N VAL A 213 17.82 -10.28 -21.27
CA VAL A 213 18.90 -9.74 -22.06
C VAL A 213 19.15 -10.56 -23.31
N ARG A 214 19.25 -11.88 -23.17
CA ARG A 214 19.43 -12.76 -24.30
C ARG A 214 18.28 -12.61 -25.30
N ALA A 215 17.07 -12.45 -24.78
CA ALA A 215 15.92 -12.26 -25.64
C ALA A 215 16.08 -10.94 -26.41
N ILE A 216 16.55 -9.91 -25.71
CA ILE A 216 16.74 -8.60 -26.32
C ILE A 216 17.79 -8.67 -27.44
N MET A 217 18.92 -9.33 -27.17
CA MET A 217 20.04 -9.32 -28.12
C MET A 217 19.66 -10.16 -29.34
N GLN A 218 18.99 -11.30 -29.14
CA GLN A 218 18.59 -12.12 -30.25
C GLN A 218 17.61 -11.39 -31.16
N ALA A 219 16.69 -10.64 -30.57
CA ALA A 219 15.71 -9.87 -31.34
C ALA A 219 16.34 -8.68 -32.09
N GLY A 220 17.56 -8.35 -31.74
CA GLY A 220 18.25 -7.24 -32.37
C GLY A 220 17.83 -5.92 -31.77
N LYS A 221 17.27 -5.96 -30.57
CA LYS A 221 16.64 -4.80 -29.95
C LYS A 221 17.47 -4.14 -28.84
N SER A 222 18.80 -4.36 -28.85
CA SER A 222 19.65 -3.88 -27.77
C SER A 222 19.65 -2.36 -27.56
N ASP A 223 19.44 -1.62 -28.65
CA ASP A 223 19.33 -0.17 -28.65
C ASP A 223 18.00 0.32 -28.03
N GLN A 224 17.01 -0.53 -28.02
CA GLN A 224 15.66 -0.13 -27.67
C GLN A 224 15.37 -0.30 -26.17
N PHE A 225 16.32 -0.86 -25.41
CA PHE A 225 16.12 -1.29 -24.03
C PHE A 225 17.28 -0.95 -23.10
N LYS A 226 16.94 -0.71 -21.83
CA LYS A 226 17.92 -0.70 -20.77
C LYS A 226 17.45 -1.68 -19.69
N VAL A 227 18.34 -2.58 -19.30
CA VAL A 227 18.06 -3.63 -18.32
C VAL A 227 18.77 -3.38 -17.00
N TYR A 228 18.00 -3.48 -15.93
CA TYR A 228 18.43 -3.22 -14.57
C TYR A 228 18.21 -4.48 -13.79
N SER A 229 19.18 -4.95 -13.02
CA SER A 229 19.02 -6.27 -12.36
C SER A 229 19.48 -6.29 -10.91
N VAL A 230 19.23 -7.41 -10.25
CA VAL A 230 19.83 -7.72 -8.97
C VAL A 230 20.78 -8.90 -9.12
N ASP A 231 21.88 -8.86 -8.33
CA ASP A 231 22.94 -9.86 -8.24
C ASP A 231 24.09 -9.63 -9.21
N VAL A 232 25.21 -10.22 -8.84
CA VAL A 232 26.42 -10.11 -9.65
C VAL A 232 27.25 -11.42 -9.50
N THR A 233 27.68 -11.98 -10.64
CA THR A 233 28.55 -13.14 -10.70
C THR A 233 29.46 -12.84 -11.91
N THR A 234 30.46 -13.69 -12.14
CA THR A 234 31.33 -13.53 -13.31
C THR A 234 30.57 -13.65 -14.62
N GLU A 235 29.60 -14.56 -14.66
CA GLU A 235 28.69 -14.65 -15.82
C GLU A 235 27.93 -13.35 -16.11
N ASP A 236 27.36 -12.74 -15.07
CA ASP A 236 26.68 -11.46 -15.22
C ASP A 236 27.62 -10.40 -15.77
N ILE A 237 28.81 -10.30 -15.17
CA ILE A 237 29.86 -9.34 -15.62
C ILE A 237 30.21 -9.50 -17.09
N GLN A 238 30.51 -10.75 -17.48
CA GLN A 238 30.76 -11.12 -18.88
C GLN A 238 29.62 -10.70 -19.80
N MET A 239 28.39 -10.93 -19.36
CA MET A 239 27.27 -10.49 -20.15
C MET A 239 27.10 -8.96 -20.18
N MET A 240 27.51 -8.28 -19.11
CA MET A 240 27.32 -6.81 -18.99
C MET A 240 28.27 -6.11 -19.93
N ILE A 241 29.44 -6.67 -20.07
CA ILE A 241 30.51 -5.93 -20.75
C ILE A 241 30.55 -6.18 -22.25
N GLN A 242 29.74 -7.12 -22.73
CA GLN A 242 29.59 -7.29 -24.18
C GLN A 242 29.27 -5.97 -24.86
N GLN A 243 29.77 -5.85 -26.09
CA GLN A 243 29.44 -4.72 -26.94
C GLN A 243 27.92 -4.65 -27.18
N ASN A 244 27.41 -3.44 -27.06
CA ASN A 244 25.97 -3.13 -27.18
C ASN A 244 25.09 -3.80 -26.15
N SER A 245 25.67 -4.31 -25.06
CA SER A 245 24.82 -4.89 -24.03
C SER A 245 23.80 -3.84 -23.59
N PRO A 246 22.51 -4.21 -23.57
CA PRO A 246 21.46 -3.41 -22.98
C PRO A 246 21.42 -3.50 -21.44
N TRP A 247 22.34 -4.28 -20.85
CA TRP A 247 22.35 -4.55 -19.40
C TRP A 247 23.21 -3.49 -18.71
N VAL A 248 22.56 -2.53 -18.07
CA VAL A 248 23.14 -1.22 -17.64
C VAL A 248 23.69 -1.20 -16.21
N ALA A 249 22.99 -1.87 -15.31
CA ALA A 249 23.32 -1.87 -13.90
C ALA A 249 22.75 -3.07 -13.21
N THR A 250 23.48 -3.50 -12.18
CA THR A 250 23.01 -4.49 -11.25
C THR A 250 23.35 -4.03 -9.80
N VAL A 251 22.55 -4.44 -8.83
CA VAL A 251 22.85 -4.25 -7.42
C VAL A 251 22.97 -5.64 -6.77
N GLY A 252 24.05 -5.87 -6.04
CA GLY A 252 24.14 -7.09 -5.25
C GLY A 252 25.39 -7.19 -4.38
N THR A 253 25.66 -8.43 -3.95
CA THR A 253 26.73 -8.79 -3.03
C THR A 253 27.59 -9.92 -3.67
N ASP A 254 28.73 -10.22 -3.03
CA ASP A 254 29.47 -11.45 -3.34
C ASP A 254 28.76 -12.63 -2.66
N SER A 255 27.94 -13.43 -3.39
CA SER A 255 27.24 -14.57 -2.78
C SER A 255 28.19 -15.60 -2.17
N TYR A 256 29.37 -15.74 -2.74
CA TYR A 256 30.45 -16.53 -2.10
C TYR A 256 30.63 -16.16 -0.62
N ALA A 257 30.76 -14.88 -0.32
CA ALA A 257 31.00 -14.40 1.05
C ALA A 257 29.72 -14.52 1.89
N VAL A 258 28.60 -14.46 1.21
CA VAL A 258 27.31 -14.67 1.91
C VAL A 258 27.17 -16.13 2.42
N GLY A 259 27.49 -17.12 1.57
CA GLY A 259 27.51 -18.52 1.97
C GLY A 259 28.53 -18.79 3.08
N ARG A 260 29.71 -18.18 3.01
CA ARG A 260 30.66 -18.31 4.15
C ARG A 260 29.99 -17.81 5.42
N LEU A 261 29.37 -16.63 5.35
CA LEU A 261 28.80 -16.01 6.54
C LEU A 261 27.78 -16.96 7.15
N ALA A 262 26.94 -17.53 6.27
CA ALA A 262 25.91 -18.47 6.71
C ALA A 262 26.50 -19.56 7.60
N VAL A 263 27.63 -20.13 7.16
CA VAL A 263 28.23 -21.24 7.87
C VAL A 263 28.91 -20.74 9.16
N ARG A 264 29.56 -19.57 9.11
CA ARG A 264 30.16 -18.94 10.30
C ARG A 264 29.16 -18.64 11.39
N ALA A 265 27.99 -18.16 10.98
CA ALA A 265 26.94 -17.82 11.90
C ALA A 265 26.50 -19.11 12.60
N ALA A 266 26.26 -20.14 11.81
CA ALA A 266 25.85 -21.41 12.34
C ALA A 266 26.88 -21.96 13.31
N ALA A 267 28.14 -21.88 12.92
CA ALA A 267 29.19 -22.38 13.81
C ALA A 267 29.24 -21.59 15.14
N ALA A 268 29.06 -20.27 15.05
CA ALA A 268 29.06 -19.37 16.21
C ALA A 268 27.99 -19.72 17.24
N LEU A 269 26.77 -19.97 16.75
CA LEU A 269 25.66 -20.44 17.59
C LEU A 269 26.02 -21.76 18.27
N VAL A 270 26.60 -22.68 17.51
CA VAL A 270 26.98 -23.98 18.07
C VAL A 270 27.99 -23.74 19.22
N GLY A 271 28.92 -22.82 19.00
CA GLY A 271 29.87 -22.42 20.04
C GLY A 271 29.26 -21.66 21.21
N GLY A 272 27.94 -21.50 21.22
CA GLY A 272 27.24 -20.79 22.28
C GLY A 272 27.21 -19.27 22.13
N GLU A 273 27.58 -18.76 20.96
CA GLU A 273 27.56 -17.33 20.75
C GLU A 273 26.15 -16.83 20.49
N LYS A 274 25.91 -15.61 20.95
CA LYS A 274 24.64 -14.90 20.82
C LYS A 274 24.87 -13.92 19.69
N LEU A 275 24.09 -14.06 18.61
CA LEU A 275 24.29 -13.27 17.41
C LEU A 275 23.25 -12.15 17.30
N PRO A 276 23.56 -11.09 16.54
CA PRO A 276 22.46 -10.17 16.22
C PRO A 276 21.28 -10.90 15.53
N LYS A 277 20.10 -10.40 15.75
CA LYS A 277 18.94 -10.92 15.04
C LYS A 277 19.04 -10.72 13.54
N TYR A 278 19.56 -9.55 13.11
CA TYR A 278 19.64 -9.26 11.69
C TYR A 278 21.10 -9.10 11.26
N LEU A 279 21.52 -9.96 10.32
CA LEU A 279 22.82 -9.93 9.67
C LEU A 279 22.63 -9.48 8.21
N LEU A 280 22.72 -8.17 8.05
CA LEU A 280 22.53 -7.51 6.76
C LEU A 280 23.83 -7.39 5.97
N VAL A 281 24.00 -8.19 4.93
CA VAL A 281 25.17 -8.03 3.98
C VAL A 281 24.87 -6.85 3.05
N GLU A 282 25.81 -5.94 2.93
CA GLU A 282 25.57 -4.64 2.35
C GLU A 282 25.73 -4.69 0.82
N PRO A 283 24.69 -4.36 0.07
CA PRO A 283 24.72 -4.50 -1.37
C PRO A 283 25.26 -3.29 -2.07
N GLN A 284 25.83 -3.49 -3.25
CA GLN A 284 26.50 -2.43 -3.98
C GLN A 284 25.92 -2.24 -5.35
N LEU A 285 25.81 -0.99 -5.78
CA LEU A 285 25.49 -0.64 -7.17
C LEU A 285 26.71 -0.88 -8.05
N ILE A 286 26.54 -1.66 -9.12
CA ILE A 286 27.62 -1.97 -10.09
C ILE A 286 27.05 -1.63 -11.47
N THR A 287 27.57 -0.59 -12.10
CA THR A 287 27.08 -0.15 -13.42
C THR A 287 27.92 -0.77 -14.52
N ARG A 288 27.32 -0.98 -15.69
CA ARG A 288 28.11 -1.38 -16.87
C ARG A 288 29.30 -0.47 -17.08
N GLN A 289 29.08 0.82 -16.89
CA GLN A 289 30.11 1.83 -17.15
C GLN A 289 31.27 1.67 -16.20
N PHE A 290 30.96 1.44 -14.94
CA PHE A 290 32.01 1.16 -13.96
C PHE A 290 32.84 -0.08 -14.38
N LEU A 291 32.18 -1.16 -14.78
CA LEU A 291 32.94 -2.35 -15.21
C LEU A 291 33.81 -2.03 -16.44
N VAL A 292 33.21 -1.43 -17.46
CA VAL A 292 33.91 -1.12 -18.71
C VAL A 292 35.10 -0.19 -18.48
N ASP A 293 34.90 0.90 -17.73
CA ASP A 293 35.98 1.88 -17.43
C ASP A 293 37.15 1.24 -16.70
N ASN A 294 36.86 0.22 -15.90
CA ASN A 294 37.85 -0.42 -15.05
C ASN A 294 38.35 -1.77 -15.61
N ASN A 295 37.86 -2.18 -16.79
CA ASN A 295 38.33 -3.42 -17.44
C ASN A 295 38.13 -4.65 -16.55
N ILE A 296 37.09 -4.61 -15.74
CA ILE A 296 36.71 -5.72 -14.89
C ILE A 296 36.03 -6.80 -15.71
N THR A 297 36.57 -8.02 -15.61
CA THR A 297 36.08 -9.19 -16.36
C THR A 297 35.61 -10.37 -15.48
N ASN A 298 35.85 -10.32 -14.18
CA ASN A 298 35.38 -11.38 -13.29
C ASN A 298 35.21 -10.85 -11.86
N MET A 299 34.72 -11.68 -10.96
CA MET A 299 34.48 -11.25 -9.57
C MET A 299 35.81 -10.93 -8.81
N ASP A 300 36.87 -11.65 -9.10
CA ASP A 300 38.14 -11.32 -8.38
C ASP A 300 38.45 -9.85 -8.58
N GLU A 301 38.53 -9.48 -9.84
CA GLU A 301 38.70 -8.10 -10.32
C GLU A 301 37.69 -7.13 -9.79
N LEU A 302 36.42 -7.53 -9.77
CA LEU A 302 35.45 -6.65 -9.19
C LEU A 302 35.68 -6.43 -7.69
N VAL A 303 35.89 -7.47 -6.91
CA VAL A 303 36.00 -7.25 -5.47
C VAL A 303 37.30 -6.51 -5.16
N LYS A 304 38.22 -6.55 -6.10
CA LYS A 304 39.46 -5.78 -5.94
C LYS A 304 39.15 -4.28 -6.18
N ALA A 305 38.32 -4.01 -7.19
CA ALA A 305 38.02 -2.63 -7.60
C ALA A 305 36.97 -1.97 -6.71
N LEU A 306 36.00 -2.74 -6.20
CA LEU A 306 34.98 -2.26 -5.24
C LEU A 306 35.15 -3.04 -3.95
N PRO A 307 36.10 -2.61 -3.08
CA PRO A 307 36.41 -3.40 -1.88
C PRO A 307 35.27 -3.52 -0.86
N ALA A 308 34.28 -2.63 -0.96
CA ALA A 308 33.08 -2.76 -0.14
C ALA A 308 32.38 -4.12 -0.37
N LEU A 309 32.65 -4.78 -1.48
CA LEU A 309 32.22 -6.17 -1.71
C LEU A 309 32.93 -7.24 -0.92
N GLY A 310 34.18 -6.98 -0.56
CA GLY A 310 35.01 -8.00 0.02
C GLY A 310 35.16 -7.94 1.53
N GLU A 311 34.29 -7.19 2.17
CA GLU A 311 34.42 -6.92 3.59
C GLU A 311 34.33 -8.14 4.50
N SER A 312 35.20 -8.12 5.51
CA SER A 312 35.36 -9.22 6.44
C SER A 312 34.13 -9.51 7.31
N ASN A 313 33.51 -8.43 7.74
CA ASN A 313 33.26 -8.00 9.09
C ASN A 313 32.44 -8.88 10.00
N LEU A 314 31.34 -9.44 9.49
CA LEU A 314 30.38 -10.08 10.35
C LEU A 314 30.79 -11.42 10.95
N VAL A 315 30.47 -11.56 12.23
CA VAL A 315 30.52 -12.83 12.94
C VAL A 315 31.90 -13.45 12.85
N TRP A 316 32.88 -12.81 13.48
CA TRP A 316 34.18 -13.40 13.69
C TRP A 316 34.50 -13.32 15.17
N PRO A 317 33.88 -14.19 15.98
CA PRO A 317 34.25 -14.26 17.36
C PRO A 317 35.75 -14.53 17.45
N GLU A 318 36.34 -14.30 18.60
CA GLU A 318 37.78 -14.51 18.72
C GLU A 318 38.12 -15.98 18.57
N TRP A 319 37.43 -16.85 19.30
CA TRP A 319 37.74 -18.29 19.29
C TRP A 319 37.71 -18.88 17.88
N LEU A 320 36.73 -18.43 17.07
CA LEU A 320 36.49 -18.96 15.76
C LEU A 320 37.53 -18.42 14.79
N LYS A 321 37.76 -17.11 14.85
CA LYS A 321 38.84 -16.49 14.08
C LYS A 321 40.16 -17.23 14.43
N ALA A 322 40.43 -17.40 15.72
CA ALA A 322 41.66 -18.12 16.15
C ALA A 322 41.70 -19.53 15.53
N LEU A 323 40.55 -20.22 15.55
CA LEU A 323 40.43 -21.56 14.98
C LEU A 323 40.76 -21.64 13.46
N THR A 324 40.24 -20.70 12.67
CA THR A 324 40.55 -20.70 11.22
C THR A 324 42.05 -20.50 10.99
N GLU A 325 42.67 -19.64 11.80
CA GLU A 325 44.13 -19.45 11.77
C GLU A 325 44.82 -20.80 11.85
N LYS A 326 44.53 -21.56 12.91
CA LYS A 326 45.15 -22.88 13.15
C LYS A 326 45.15 -23.80 11.93
N ASN A 327 43.99 -23.94 11.29
CA ASN A 327 43.75 -24.96 10.27
C ASN A 327 44.38 -24.65 8.91
N PRO B 7 -34.50 9.15 30.81
CA PRO B 7 -33.72 9.33 32.04
C PRO B 7 -33.97 10.69 32.67
N LYS B 8 -33.42 10.89 33.87
CA LYS B 8 -33.64 12.10 34.66
C LYS B 8 -33.43 13.37 33.84
N LYS B 9 -32.33 13.41 33.08
CA LYS B 9 -31.95 14.62 32.36
C LYS B 9 -32.98 15.08 31.32
N PHE B 10 -33.76 14.14 30.78
CA PHE B 10 -34.77 14.48 29.76
C PHE B 10 -36.16 14.70 30.36
N GLU B 11 -36.25 14.88 31.67
CA GLU B 11 -37.51 15.34 32.27
C GLU B 11 -37.78 16.81 31.91
N ASN B 12 -36.71 17.59 31.74
CA ASN B 12 -36.77 18.94 31.15
C ASN B 12 -35.75 19.06 30.01
N PRO B 13 -36.11 18.55 28.82
CA PRO B 13 -35.24 18.40 27.65
C PRO B 13 -34.43 19.64 27.27
N LYS B 14 -35.00 20.84 27.46
CA LYS B 14 -34.29 22.04 26.99
C LYS B 14 -32.99 22.28 27.80
N ASN B 15 -32.91 21.70 29.00
CA ASN B 15 -31.66 21.74 29.79
C ASN B 15 -30.54 20.95 29.17
N VAL B 16 -30.87 19.96 28.33
CA VAL B 16 -29.84 19.17 27.65
C VAL B 16 -29.22 20.02 26.55
N ARG B 17 -27.94 20.33 26.68
CA ARG B 17 -27.22 21.14 25.70
C ARG B 17 -26.17 20.29 24.98
N ILE B 18 -26.31 20.20 23.67
CA ILE B 18 -25.44 19.41 22.80
C ILE B 18 -24.79 20.39 21.83
N ALA B 19 -23.46 20.40 21.80
CA ALA B 19 -22.68 21.29 20.92
C ALA B 19 -22.22 20.54 19.67
N LEU B 20 -22.42 21.15 18.51
CA LEU B 20 -22.00 20.59 17.23
C LEU B 20 -20.83 21.47 16.82
N VAL B 21 -19.64 20.89 16.75
CA VAL B 21 -18.45 21.61 16.34
C VAL B 21 -17.97 21.04 15.03
N ARG B 22 -17.98 21.86 13.98
CA ARG B 22 -17.71 21.40 12.62
C ARG B 22 -16.49 22.02 12.07
N GLU B 23 -15.64 21.26 11.41
CA GLU B 23 -14.53 21.83 10.62
C GLU B 23 -15.01 22.61 9.40
N VAL B 24 -16.05 22.09 8.75
CA VAL B 24 -16.34 22.51 7.37
C VAL B 24 -17.85 22.66 7.24
N GLY B 25 -18.29 23.75 6.62
CA GLY B 25 -19.71 23.98 6.38
C GLY B 25 -20.17 24.27 4.95
N GLU B 26 -19.26 24.38 3.98
CA GLU B 26 -19.61 24.75 2.58
C GLU B 26 -20.37 23.71 1.75
N GLY B 27 -21.36 24.16 1.01
CA GLY B 27 -22.04 23.29 0.06
C GLY B 27 -23.25 22.61 0.66
N SER B 28 -24.11 22.16 -0.24
CA SER B 28 -25.41 21.62 0.16
C SER B 28 -25.40 20.34 1.03
N PHE B 29 -24.42 19.45 0.86
CA PHE B 29 -24.32 18.29 1.75
C PHE B 29 -24.22 18.73 3.20
N PHE B 30 -23.32 19.66 3.50
CA PHE B 30 -23.13 20.09 4.87
C PHE B 30 -24.33 20.90 5.36
N GLU B 31 -24.96 21.69 4.48
CA GLU B 31 -26.13 22.47 4.90
C GLU B 31 -27.27 21.54 5.26
N ARG B 32 -27.44 20.48 4.48
CA ARG B 32 -28.55 19.56 4.69
CA ARG B 32 -28.55 19.52 4.69
C ARG B 32 -28.32 18.72 5.97
N TYR B 33 -27.10 18.31 6.21
CA TYR B 33 -26.76 17.68 7.50
C TYR B 33 -27.17 18.57 8.70
N LEU B 34 -26.85 19.85 8.55
CA LEU B 34 -27.11 20.85 9.58
C LEU B 34 -28.59 20.98 9.82
N ALA B 35 -29.37 20.99 8.73
CA ALA B 35 -30.83 21.00 8.84
C ALA B 35 -31.36 19.76 9.54
N GLY B 36 -30.84 18.59 9.19
CA GLY B 36 -31.17 17.35 9.88
C GLY B 36 -30.87 17.44 11.36
N ALA B 37 -29.64 17.83 11.73
CA ALA B 37 -29.30 18.00 13.12
C ALA B 37 -30.34 18.86 13.87
N GLN B 38 -30.64 20.03 13.31
CA GLN B 38 -31.65 20.96 13.89
C GLN B 38 -33.05 20.35 14.00
N SER B 39 -33.50 19.63 12.96
CA SER B 39 -34.81 19.01 13.01
C SER B 39 -34.87 17.96 14.12
N MET B 40 -33.79 17.20 14.31
CA MET B 40 -33.81 16.17 15.34
C MET B 40 -33.74 16.82 16.72
N ALA B 41 -32.97 17.89 16.86
CA ALA B 41 -32.90 18.61 18.14
C ALA B 41 -34.29 19.08 18.52
N ARG B 42 -35.00 19.67 17.56
CA ARG B 42 -36.36 20.16 17.84
C ARG B 42 -37.30 19.04 18.29
N GLU B 43 -37.23 17.88 17.65
CA GLU B 43 -38.14 16.77 17.96
C GLU B 43 -37.93 16.19 19.37
N LEU B 44 -36.68 16.22 19.83
CA LEU B 44 -36.31 15.86 21.20
C LEU B 44 -36.60 16.99 22.17
N GLY B 45 -36.56 18.22 21.65
CA GLY B 45 -36.80 19.41 22.44
C GLY B 45 -35.55 19.73 23.23
N VAL B 46 -34.40 19.26 22.75
CA VAL B 46 -33.13 19.64 23.37
C VAL B 46 -32.58 20.87 22.71
N THR B 47 -31.61 21.48 23.37
CA THR B 47 -30.94 22.66 22.88
C THR B 47 -29.66 22.27 22.16
N LEU B 48 -29.57 22.66 20.89
CA LEU B 48 -28.44 22.39 20.02
C LEU B 48 -27.64 23.66 19.77
N LEU B 49 -26.34 23.61 20.07
CA LEU B 49 -25.41 24.73 19.84
C LEU B 49 -24.45 24.36 18.69
N GLU B 50 -24.11 25.34 17.88
CA GLU B 50 -23.43 25.05 16.64
C GLU B 50 -22.24 26.00 16.60
N ALA B 51 -21.10 25.51 16.15
CA ALA B 51 -19.95 26.35 15.89
C ALA B 51 -19.19 25.76 14.71
N THR B 52 -18.70 26.57 13.81
CA THR B 52 -18.06 26.02 12.64
C THR B 52 -16.77 26.74 12.45
N ALA B 53 -15.71 26.01 12.18
CA ALA B 53 -14.37 26.63 12.15
C ALA B 53 -13.86 27.03 10.77
N HIS B 54 -14.56 26.61 9.72
CA HIS B 54 -14.21 26.91 8.32
C HIS B 54 -12.77 26.64 8.05
N GLY B 55 -12.32 25.48 8.51
CA GLY B 55 -11.06 24.96 8.10
C GLY B 55 -9.92 25.41 8.98
N ASP B 56 -10.19 26.16 10.03
CA ASP B 56 -9.10 26.68 10.90
C ASP B 56 -8.95 25.80 12.13
N MET B 57 -7.92 24.98 12.17
CA MET B 57 -7.86 23.99 13.22
C MET B 57 -7.75 24.69 14.58
N ALA B 58 -7.01 25.81 14.63
CA ALA B 58 -6.79 26.54 15.88
C ALA B 58 -8.09 27.11 16.43
N ARG B 59 -8.91 27.68 15.52
CA ARG B 59 -10.28 28.07 15.87
C ARG B 59 -11.09 26.88 16.33
N MET B 60 -10.91 25.73 15.67
CA MET B 60 -11.65 24.50 16.06
C MET B 60 -11.38 24.09 17.53
N VAL B 61 -10.11 24.15 17.93
CA VAL B 61 -9.70 23.81 19.29
C VAL B 61 -10.36 24.74 20.31
N THR B 62 -10.34 26.06 20.06
CA THR B 62 -10.92 27.05 20.97
C THR B 62 -12.42 26.89 21.02
N MET B 63 -13.05 26.52 19.92
CA MET B 63 -14.47 26.27 19.93
C MET B 63 -14.79 25.07 20.82
N ILE B 64 -13.96 24.02 20.76
CA ILE B 64 -14.22 22.86 21.62
C ILE B 64 -14.01 23.26 23.08
N GLU B 65 -12.97 24.04 23.36
CA GLU B 65 -12.73 24.55 24.69
C GLU B 65 -13.90 25.37 25.26
N ASN B 66 -14.51 26.26 24.45
CA ASN B 66 -15.64 27.09 24.92
C ASN B 66 -16.73 26.15 25.41
N PHE B 67 -17.08 25.14 24.61
CA PHE B 67 -18.15 24.20 25.01
C PHE B 67 -17.79 23.37 26.24
N ILE B 68 -16.50 23.04 26.42
CA ILE B 68 -16.05 22.39 27.65
C ILE B 68 -16.31 23.32 28.82
N THR B 69 -15.81 24.55 28.73
CA THR B 69 -16.04 25.59 29.76
C THR B 69 -17.52 25.79 30.11
N GLN B 70 -18.36 25.82 29.08
CA GLN B 70 -19.81 25.92 29.25
C GLN B 70 -20.44 24.65 29.85
N ARG B 71 -19.66 23.57 29.95
CA ARG B 71 -20.11 22.30 30.51
C ARG B 71 -21.42 21.83 29.83
N VAL B 72 -21.45 21.84 28.50
CA VAL B 72 -22.52 21.15 27.77
C VAL B 72 -22.53 19.67 28.10
N ASP B 73 -23.70 19.08 27.87
CA ASP B 73 -23.93 17.68 28.11
C ASP B 73 -23.20 16.76 27.12
N ALA B 74 -23.04 17.18 25.88
CA ALA B 74 -22.36 16.40 24.88
C ALA B 74 -21.81 17.29 23.76
N ILE B 75 -20.78 16.79 23.06
CA ILE B 75 -20.21 17.45 21.93
C ILE B 75 -20.18 16.48 20.77
N ILE B 76 -20.63 16.92 19.62
CA ILE B 76 -20.45 16.20 18.40
C ILE B 76 -19.29 16.85 17.68
N ILE B 77 -18.26 16.08 17.41
CA ILE B 77 -17.09 16.59 16.69
C ILE B 77 -17.18 16.15 15.26
N ASP B 78 -17.32 17.12 14.37
CA ASP B 78 -17.62 16.91 12.94
C ASP B 78 -16.41 17.28 12.06
N HIS B 79 -15.81 16.27 11.45
CA HIS B 79 -14.53 16.40 10.75
C HIS B 79 -13.44 16.78 11.72
N GLY B 80 -12.37 17.40 11.23
CA GLY B 80 -11.24 17.76 12.07
C GLY B 80 -10.16 16.74 11.86
N ARG B 81 -9.02 16.92 12.54
CA ARG B 81 -7.95 15.95 12.48
C ARG B 81 -7.59 15.50 13.91
N PRO B 82 -7.20 14.22 14.09
CA PRO B 82 -7.18 13.77 15.46
C PRO B 82 -6.01 14.33 16.25
N ASP B 83 -4.90 14.65 15.60
CA ASP B 83 -3.79 15.08 16.41
C ASP B 83 -4.10 16.42 17.07
N PRO B 84 -4.54 17.42 16.28
CA PRO B 84 -4.82 18.71 16.98
C PRO B 84 -5.97 18.60 18.02
N LEU B 85 -6.91 17.69 17.82
CA LEU B 85 -8.16 17.64 18.62
C LEU B 85 -8.12 16.67 19.82
N MET B 86 -7.27 15.64 19.75
CA MET B 86 -7.33 14.52 20.69
C MET B 86 -7.28 14.92 22.17
N PRO B 87 -6.47 15.95 22.53
CA PRO B 87 -6.40 16.40 23.94
C PRO B 87 -7.68 17.04 24.44
N LYS B 88 -8.26 17.92 23.62
CA LYS B 88 -9.57 18.51 23.87
C LYS B 88 -10.60 17.40 24.09
N ILE B 89 -10.56 16.37 23.25
CA ILE B 89 -11.50 15.27 23.33
C ILE B 89 -11.34 14.49 24.62
N LYS B 90 -10.12 14.13 24.98
CA LYS B 90 -9.86 13.44 26.25
C LYS B 90 -10.25 14.30 27.44
N GLU B 91 -10.02 15.61 27.36
CA GLU B 91 -10.38 16.51 28.46
C GLU B 91 -11.88 16.50 28.66
N ALA B 92 -12.61 16.70 27.56
CA ALA B 92 -14.06 16.68 27.61
C ALA B 92 -14.57 15.41 28.27
N LEU B 93 -14.06 14.25 27.81
CA LEU B 93 -14.42 12.93 28.39
C LEU B 93 -14.19 12.84 29.90
N ASP B 94 -13.03 13.33 30.36
CA ASP B 94 -12.71 13.36 31.78
C ASP B 94 -13.63 14.26 32.64
N ARG B 95 -14.13 15.32 32.02
CA ARG B 95 -15.05 16.25 32.69
C ARG B 95 -16.47 15.70 32.68
N GLY B 96 -16.71 14.59 31.97
CA GLY B 96 -18.03 13.95 32.02
C GLY B 96 -18.95 14.36 30.87
N ILE B 97 -18.35 15.01 29.88
CA ILE B 97 -19.04 15.37 28.65
C ILE B 97 -19.02 14.16 27.75
N ARG B 98 -20.16 13.86 27.14
CA ARG B 98 -20.23 12.74 26.21
C ARG B 98 -19.80 13.28 24.82
N VAL B 99 -19.03 12.49 24.07
CA VAL B 99 -18.55 12.88 22.74
C VAL B 99 -18.93 11.85 21.72
N VAL B 100 -19.37 12.30 20.57
CA VAL B 100 -19.59 11.44 19.46
C VAL B 100 -18.94 12.12 18.29
N THR B 101 -18.43 11.36 17.33
CA THR B 101 -17.95 11.99 16.13
C THR B 101 -18.63 11.60 14.85
N PHE B 102 -18.46 12.50 13.90
CA PHE B 102 -18.77 12.29 12.49
C PHE B 102 -17.52 12.58 11.71
N ASP B 103 -17.02 11.60 10.98
CA ASP B 103 -15.87 11.74 10.11
C ASP B 103 -14.67 12.15 10.87
N LEU B 104 -14.45 11.53 12.04
CA LEU B 104 -13.16 11.64 12.78
C LEU B 104 -12.95 10.33 13.54
N VAL B 105 -11.77 9.75 13.32
CA VAL B 105 -11.35 8.50 13.89
C VAL B 105 -10.74 8.77 15.27
N VAL B 106 -11.26 8.21 16.33
CA VAL B 106 -10.68 8.43 17.65
C VAL B 106 -10.45 7.13 18.39
N ASP B 107 -9.20 6.98 18.86
CA ASP B 107 -8.77 5.80 19.60
C ASP B 107 -9.23 5.89 21.05
N ASP B 108 -10.54 5.74 21.27
CA ASP B 108 -11.13 5.73 22.63
C ASP B 108 -12.47 5.06 22.56
N ASN B 109 -12.65 4.00 23.35
CA ASN B 109 -13.87 3.21 23.34
C ASN B 109 -15.13 3.95 23.79
N ARG B 110 -14.99 5.15 24.37
CA ARG B 110 -16.14 5.90 24.86
C ARG B 110 -16.85 6.72 23.80
N VAL B 111 -16.20 6.86 22.64
CA VAL B 111 -16.62 7.76 21.56
C VAL B 111 -17.12 6.99 20.35
N PRO B 112 -18.43 6.91 20.18
CA PRO B 112 -18.92 6.36 18.93
C PRO B 112 -18.52 7.19 17.72
N GLU B 113 -18.15 6.51 16.66
CA GLU B 113 -17.78 7.15 15.43
C GLU B 113 -18.88 6.89 14.44
N ILE B 114 -19.53 7.97 13.98
CA ILE B 114 -20.45 7.94 12.85
C ILE B 114 -19.71 8.15 11.53
N GLU B 115 -19.98 7.28 10.57
CA GLU B 115 -19.55 7.52 9.22
C GLU B 115 -20.45 6.89 8.19
N GLN B 116 -20.24 7.27 6.95
CA GLN B 116 -21.05 6.75 5.83
C GLN B 116 -20.52 5.50 5.16
N ASP B 117 -19.68 4.77 5.90
CA ASP B 117 -18.96 3.57 5.44
C ASP B 117 -18.12 3.99 4.27
N ASP B 118 -17.17 4.88 4.54
CA ASP B 118 -16.43 5.51 3.43
C ASP B 118 -15.56 4.52 2.64
N LEU B 119 -15.11 3.46 3.31
CA LEU B 119 -14.40 2.41 2.59
C LEU B 119 -15.37 1.77 1.56
N LEU B 120 -16.59 1.43 1.96
CA LEU B 120 -17.55 0.97 0.94
C LEU B 120 -17.82 2.00 -0.17
N ILE B 121 -17.96 3.29 0.18
CA ILE B 121 -18.18 4.39 -0.81
C ILE B 121 -17.04 4.40 -1.85
N GLY B 122 -15.82 4.38 -1.37
CA GLY B 122 -14.73 4.52 -2.29
C GLY B 122 -14.59 3.36 -3.21
N TYR B 123 -14.88 2.17 -2.70
CA TYR B 123 -14.91 0.98 -3.46
C TYR B 123 -16.07 1.05 -4.42
N LEU B 124 -17.27 1.38 -3.95
CA LEU B 124 -18.41 1.32 -4.92
C LEU B 124 -18.25 2.23 -6.14
N ILE B 125 -17.86 3.48 -5.92
CA ILE B 125 -17.75 4.45 -7.00
C ILE B 125 -16.54 4.18 -7.88
N SER B 126 -15.40 3.81 -7.27
CA SER B 126 -14.22 3.48 -8.06
C SER B 126 -14.47 2.22 -8.93
N LYS B 127 -15.11 1.20 -8.40
CA LYS B 127 -15.48 0.01 -9.22
C LYS B 127 -16.42 0.38 -10.33
N GLN B 128 -17.35 1.30 -10.05
CA GLN B 128 -18.36 1.68 -11.06
C GLN B 128 -17.66 2.32 -12.26
N LEU B 129 -16.75 3.26 -11.98
CA LEU B 129 -15.93 3.83 -13.03
C LEU B 129 -15.17 2.68 -13.81
N ALA B 130 -14.51 1.77 -13.09
CA ALA B 130 -13.69 0.68 -13.71
C ALA B 130 -14.47 -0.22 -14.63
N VAL B 131 -15.60 -0.67 -14.15
CA VAL B 131 -16.46 -1.53 -14.91
C VAL B 131 -17.16 -0.81 -16.12
N ASP B 132 -17.56 0.46 -15.94
CA ASP B 132 -18.09 1.23 -17.02
C ASP B 132 -17.15 1.34 -18.19
N PHE B 133 -15.86 1.48 -17.88
CA PHE B 133 -14.83 1.58 -18.88
C PHE B 133 -14.15 0.24 -19.21
N ALA B 134 -14.77 -0.90 -18.86
CA ALA B 134 -14.14 -2.24 -19.12
C ALA B 134 -12.68 -2.22 -18.71
N GLY B 135 -12.37 -1.56 -17.61
CA GLY B 135 -11.02 -1.54 -17.07
C GLY B 135 -9.95 -0.71 -17.76
N ASN B 136 -10.32 0.09 -18.73
CA ASN B 136 -9.41 1.01 -19.40
C ASN B 136 -9.93 2.46 -19.42
N ALA B 137 -9.23 3.33 -18.72
CA ALA B 137 -9.55 4.73 -18.66
C ALA B 137 -8.39 5.57 -18.20
N ASN B 138 -8.40 6.82 -18.67
CA ASN B 138 -7.56 7.90 -18.17
C ASN B 138 -8.31 8.88 -17.25
N VAL B 139 -8.07 8.75 -15.96
CA VAL B 139 -8.83 9.40 -14.94
C VAL B 139 -8.11 10.63 -14.39
N ILE B 140 -8.84 11.75 -14.39
CA ILE B 140 -8.54 12.91 -13.56
C ILE B 140 -9.19 12.69 -12.21
N TYR B 141 -8.36 12.57 -11.18
CA TYR B 141 -8.82 12.27 -9.81
C TYR B 141 -8.98 13.55 -8.99
N VAL B 142 -10.19 13.81 -8.45
CA VAL B 142 -10.41 15.04 -7.66
C VAL B 142 -10.63 14.66 -6.18
N ASN B 143 -9.60 14.91 -5.35
CA ASN B 143 -9.58 14.56 -3.94
C ASN B 143 -8.37 15.20 -3.38
N VAL B 144 -8.32 15.32 -2.06
CA VAL B 144 -7.23 15.97 -1.32
C VAL B 144 -7.04 15.21 -0.01
N GLY B 145 -5.84 15.19 0.55
CA GLY B 145 -5.64 14.46 1.79
C GLY B 145 -5.98 15.31 2.98
N GLY B 146 -6.10 14.70 4.15
CA GLY B 146 -6.23 15.44 5.40
C GLY B 146 -7.67 15.58 5.86
N PHE B 147 -8.54 14.79 5.27
CA PHE B 147 -9.91 14.64 5.70
C PHE B 147 -10.21 13.15 5.81
N ALA B 148 -10.71 12.72 6.96
CA ALA B 148 -11.02 11.31 7.20
C ALA B 148 -11.80 10.62 6.07
N PRO B 149 -12.96 11.15 5.67
CA PRO B 149 -13.70 10.42 4.65
C PRO B 149 -12.98 10.35 3.28
N LEU B 150 -12.37 11.43 2.90
CA LEU B 150 -11.59 11.47 1.68
C LEU B 150 -10.34 10.53 1.72
N ASP B 151 -9.67 10.40 2.86
CA ASP B 151 -8.52 9.45 3.00
C ASP B 151 -8.94 7.98 2.95
N LYS B 152 -10.04 7.62 3.64
CA LYS B 152 -10.77 6.34 3.50
C LYS B 152 -11.15 6.08 2.03
N ARG B 153 -11.81 7.03 1.40
CA ARG B 153 -12.21 6.83 -0.03
C ARG B 153 -10.94 6.66 -0.87
N ASP B 154 -9.92 7.43 -0.53
CA ASP B 154 -8.64 7.38 -1.33
C ASP B 154 -8.01 5.98 -1.45
N LYS B 155 -7.99 5.25 -0.32
CA LYS B 155 -7.39 3.92 -0.20
C LYS B 155 -8.00 2.97 -1.15
N MET B 156 -9.31 3.09 -1.31
CA MET B 156 -10.00 2.20 -2.16
C MET B 156 -9.79 2.54 -3.62
N TRP B 157 -9.66 3.83 -3.96
CA TRP B 157 -9.19 4.19 -5.30
C TRP B 157 -7.84 3.52 -5.57
N GLN B 158 -6.91 3.52 -4.62
CA GLN B 158 -5.60 2.86 -4.91
C GLN B 158 -5.77 1.35 -5.21
N ILE B 159 -6.70 0.69 -4.49
CA ILE B 159 -6.97 -0.72 -4.73
C ILE B 159 -7.58 -0.95 -6.09
N ILE B 160 -8.46 -0.05 -6.52
CA ILE B 160 -9.06 -0.19 -7.85
C ILE B 160 -7.97 -0.06 -8.92
N LYS B 161 -6.99 0.83 -8.69
CA LYS B 161 -5.89 0.93 -9.68
C LYS B 161 -5.05 -0.33 -9.75
N TRP B 162 -4.93 -1.01 -8.62
CA TRP B 162 -4.17 -2.26 -8.52
C TRP B 162 -4.91 -3.42 -9.24
N ARG B 163 -6.23 -3.52 -9.06
CA ARG B 163 -7.02 -4.66 -9.60
C ARG B 163 -7.21 -4.50 -11.08
N PHE B 164 -7.41 -3.24 -11.50
CA PHE B 164 -7.64 -2.84 -12.89
C PHE B 164 -6.52 -1.93 -13.38
N PRO B 165 -5.39 -2.51 -13.86
CA PRO B 165 -4.23 -1.66 -14.17
C PRO B 165 -4.35 -0.80 -15.43
N GLY B 166 -5.37 -1.03 -16.27
CA GLY B 166 -5.74 -0.08 -17.31
C GLY B 166 -6.44 1.20 -16.84
N ILE B 167 -6.81 1.28 -15.57
CA ILE B 167 -7.48 2.45 -15.04
C ILE B 167 -6.36 3.28 -14.47
N LYS B 168 -6.00 4.36 -15.18
CA LYS B 168 -4.78 5.08 -14.86
C LYS B 168 -5.15 6.45 -14.29
N GLU B 169 -4.44 6.87 -13.27
CA GLU B 169 -4.60 8.23 -12.77
C GLU B 169 -3.70 9.06 -13.64
N VAL B 170 -4.27 9.99 -14.39
CA VAL B 170 -3.45 10.92 -15.18
C VAL B 170 -3.22 12.30 -14.51
N ALA B 171 -4.07 12.64 -13.54
CA ALA B 171 -3.98 13.88 -12.77
C ALA B 171 -4.70 13.72 -11.45
N LYS B 172 -4.22 14.42 -10.45
CA LYS B 172 -4.84 14.59 -9.13
C LYS B 172 -4.99 16.09 -8.82
N ILE B 173 -6.21 16.57 -8.63
CA ILE B 173 -6.44 18.00 -8.40
C ILE B 173 -7.44 18.15 -7.25
N GLY B 174 -7.49 19.34 -6.67
CA GLY B 174 -8.50 19.64 -5.65
C GLY B 174 -7.95 20.18 -4.36
N ALA B 175 -8.72 21.09 -3.77
CA ALA B 175 -8.40 21.70 -2.50
C ALA B 175 -9.69 22.15 -1.93
N VAL B 176 -9.81 22.06 -0.61
CA VAL B 176 -10.96 22.52 0.11
C VAL B 176 -10.64 23.95 0.49
N THR B 177 -11.38 24.91 -0.06
CA THR B 177 -11.03 26.34 0.01
C THR B 177 -12.11 27.22 0.67
N GLY B 178 -13.33 26.72 0.81
CA GLY B 178 -14.45 27.58 1.15
C GLY B 178 -15.24 28.06 -0.04
N SER B 179 -14.64 27.98 -1.21
CA SER B 179 -15.40 28.07 -2.47
C SER B 179 -14.88 26.98 -3.43
N THR B 180 -14.97 25.76 -2.93
CA THR B 180 -14.41 24.57 -3.57
C THR B 180 -14.94 24.27 -4.98
N ALA B 181 -16.25 24.32 -5.20
CA ALA B 181 -16.81 24.08 -6.53
C ALA B 181 -16.21 25.00 -7.58
N ALA B 182 -16.26 26.31 -7.31
CA ALA B 182 -15.70 27.34 -8.20
C ALA B 182 -14.17 27.20 -8.40
N ASP B 183 -13.46 26.84 -7.34
CA ASP B 183 -12.00 26.65 -7.51
C ASP B 183 -11.68 25.34 -8.27
N THR B 184 -12.53 24.32 -8.11
CA THR B 184 -12.37 23.04 -8.80
C THR B 184 -12.69 23.21 -10.29
N GLN B 185 -13.62 24.10 -10.63
CA GLN B 185 -13.86 24.42 -12.03
C GLN B 185 -12.61 25.00 -12.72
N THR B 186 -11.96 25.94 -12.07
CA THR B 186 -10.75 26.54 -12.62
C THR B 186 -9.67 25.48 -12.83
N ARG B 187 -9.49 24.63 -11.83
CA ARG B 187 -8.53 23.50 -11.89
C ARG B 187 -8.82 22.52 -13.03
N MET B 188 -10.10 22.17 -13.20
CA MET B 188 -10.50 21.23 -14.20
C MET B 188 -10.25 21.78 -15.61
N GLU B 189 -10.41 23.11 -15.78
CA GLU B 189 -10.10 23.83 -17.02
C GLU B 189 -8.67 23.56 -17.45
N ALA B 190 -7.76 23.82 -16.52
CA ALA B 190 -6.33 23.63 -16.79
C ALA B 190 -5.98 22.15 -16.98
N ALA B 191 -6.55 21.28 -16.15
CA ALA B 191 -6.29 19.84 -16.20
C ALA B 191 -6.72 19.18 -17.51
N MET B 192 -7.88 19.58 -18.05
CA MET B 192 -8.31 19.15 -19.37
C MET B 192 -7.27 19.54 -20.46
N LYS B 193 -6.66 20.71 -20.32
CA LYS B 193 -5.68 21.13 -21.30
C LYS B 193 -4.34 20.44 -21.11
N GLU B 194 -3.94 20.18 -19.87
CA GLU B 194 -2.69 19.49 -19.58
C GLU B 194 -2.80 18.01 -19.98
N LYS B 195 -3.97 17.40 -19.80
CA LYS B 195 -4.18 15.96 -20.08
C LYS B 195 -5.31 15.74 -21.10
N PRO B 196 -5.00 15.98 -22.38
CA PRO B 196 -6.06 15.85 -23.37
C PRO B 196 -6.56 14.42 -23.50
N GLU B 197 -5.75 13.44 -23.10
CA GLU B 197 -6.13 12.03 -23.17
C GLU B 197 -7.19 11.66 -22.10
N ALA B 198 -7.29 12.46 -21.01
CA ALA B 198 -8.20 12.12 -19.92
C ALA B 198 -9.61 11.96 -20.43
N ASN B 199 -10.33 10.93 -19.97
CA ASN B 199 -11.74 10.71 -20.40
C ASN B 199 -12.71 10.36 -19.26
N ALA B 200 -12.23 10.44 -18.03
CA ALA B 200 -13.11 10.22 -16.89
C ALA B 200 -12.66 11.09 -15.75
N VAL B 201 -13.62 11.37 -14.86
CA VAL B 201 -13.39 12.10 -13.61
C VAL B 201 -13.96 11.31 -12.45
N LEU B 202 -13.16 11.23 -11.40
CA LEU B 202 -13.54 10.59 -10.16
C LEU B 202 -13.36 11.63 -9.07
N ALA B 203 -14.47 12.08 -8.49
CA ALA B 203 -14.45 13.21 -7.58
C ALA B 203 -15.08 12.75 -6.28
N MET B 204 -14.29 12.86 -5.21
CA MET B 204 -14.66 12.25 -3.95
C MET B 204 -15.49 13.14 -2.96
N TRP B 205 -15.97 14.28 -3.45
CA TRP B 205 -16.98 15.11 -2.76
C TRP B 205 -17.84 15.76 -3.82
N ASP B 206 -19.15 15.92 -3.59
CA ASP B 206 -19.97 16.47 -4.62
C ASP B 206 -19.62 17.91 -4.96
N GLU B 207 -19.06 18.66 -4.03
CA GLU B 207 -18.62 20.03 -4.37
C GLU B 207 -17.43 20.00 -5.37
N PHE B 208 -16.57 19.01 -5.26
CA PHE B 208 -15.49 18.79 -6.27
C PHE B 208 -16.18 18.45 -7.63
N ALA B 209 -17.06 17.47 -7.60
CA ALA B 209 -17.76 17.03 -8.81
C ALA B 209 -18.46 18.19 -9.53
N LYS B 210 -19.13 19.05 -8.77
CA LYS B 210 -19.91 20.15 -9.35
C LYS B 210 -19.00 21.07 -10.15
N GLY B 211 -17.83 21.37 -9.61
CA GLY B 211 -16.87 22.20 -10.34
C GLY B 211 -16.38 21.55 -11.62
N ALA B 212 -15.99 20.28 -11.52
CA ALA B 212 -15.51 19.50 -12.69
C ALA B 212 -16.56 19.42 -13.81
N VAL B 213 -17.80 19.12 -13.45
CA VAL B 213 -18.86 19.00 -14.43
C VAL B 213 -19.11 20.33 -15.13
N ARG B 214 -19.18 21.41 -14.35
CA ARG B 214 -19.34 22.73 -14.89
C ARG B 214 -18.23 23.06 -15.88
N ALA B 215 -16.98 22.69 -15.54
CA ALA B 215 -15.87 22.95 -16.42
C ALA B 215 -16.01 22.18 -17.72
N ILE B 216 -16.40 20.91 -17.62
CA ILE B 216 -16.71 20.07 -18.79
C ILE B 216 -17.83 20.67 -19.69
N MET B 217 -18.91 21.13 -19.08
CA MET B 217 -20.02 21.62 -19.91
C MET B 217 -19.63 22.93 -20.60
N GLN B 218 -19.02 23.86 -19.87
CA GLN B 218 -18.60 25.13 -20.47
C GLN B 218 -17.64 24.87 -21.66
N ALA B 219 -16.69 23.94 -21.50
CA ALA B 219 -15.79 23.61 -22.60
C ALA B 219 -16.50 22.92 -23.79
N GLY B 220 -17.71 22.42 -23.58
CA GLY B 220 -18.51 21.79 -24.67
C GLY B 220 -18.14 20.31 -24.81
N LYS B 221 -17.56 19.76 -23.74
CA LYS B 221 -16.90 18.44 -23.79
C LYS B 221 -17.67 17.34 -23.08
N SER B 222 -18.98 17.52 -22.96
CA SER B 222 -19.79 16.58 -22.20
C SER B 222 -19.77 15.15 -22.76
N ASP B 223 -19.64 14.99 -24.07
CA ASP B 223 -19.58 13.65 -24.64
C ASP B 223 -18.19 12.98 -24.53
N GLN B 224 -17.16 13.73 -24.13
CA GLN B 224 -15.78 13.21 -24.04
C GLN B 224 -15.42 12.77 -22.63
N PHE B 225 -16.37 12.87 -21.69
CA PHE B 225 -16.11 12.61 -20.27
C PHE B 225 -17.27 11.89 -19.57
N LYS B 226 -16.91 11.06 -18.59
CA LYS B 226 -17.87 10.52 -17.66
C LYS B 226 -17.36 10.88 -16.28
N VAL B 227 -18.26 11.36 -15.44
CA VAL B 227 -17.94 11.81 -14.10
C VAL B 227 -18.66 10.95 -13.08
N TYR B 228 -17.88 10.52 -12.10
CA TYR B 228 -18.28 9.65 -11.03
C TYR B 228 -17.99 10.44 -9.76
N SER B 229 -18.96 10.47 -8.84
CA SER B 229 -18.80 11.26 -7.62
C SER B 229 -19.25 10.56 -6.37
N VAL B 230 -18.99 11.22 -5.25
CA VAL B 230 -19.63 10.89 -3.98
C VAL B 230 -20.66 11.97 -3.58
N ASP B 231 -21.67 11.56 -2.81
CA ASP B 231 -22.73 12.44 -2.24
C ASP B 231 -23.92 12.62 -3.18
N VAL B 232 -25.06 12.93 -2.57
CA VAL B 232 -26.29 13.27 -3.37
C VAL B 232 -27.11 14.30 -2.57
N THR B 233 -27.48 15.39 -3.25
CA THR B 233 -28.35 16.42 -2.70
C THR B 233 -29.29 16.73 -3.90
N THR B 234 -30.33 17.55 -3.70
CA THR B 234 -31.22 17.94 -4.82
C THR B 234 -30.47 18.70 -5.91
N GLU B 235 -29.54 19.57 -5.53
CA GLU B 235 -28.66 20.25 -6.50
C GLU B 235 -27.87 19.26 -7.37
N ASP B 236 -27.21 18.29 -6.72
CA ASP B 236 -26.55 17.21 -7.45
C ASP B 236 -27.46 16.52 -8.46
N ILE B 237 -28.66 16.15 -8.02
CA ILE B 237 -29.70 15.53 -8.89
C ILE B 237 -30.11 16.37 -10.10
N GLN B 238 -30.27 17.68 -9.87
CA GLN B 238 -30.62 18.62 -10.96
C GLN B 238 -29.52 18.68 -11.97
N MET B 239 -28.28 18.68 -11.48
CA MET B 239 -27.19 18.67 -12.39
C MET B 239 -27.02 17.37 -13.16
N MET B 240 -27.34 16.22 -12.56
CA MET B 240 -27.10 14.91 -13.21
C MET B 240 -28.09 14.76 -14.33
N ILE B 241 -29.29 15.20 -14.08
CA ILE B 241 -30.38 14.89 -15.03
C ILE B 241 -30.49 15.82 -16.25
N GLN B 242 -29.65 16.85 -16.33
CA GLN B 242 -29.57 17.74 -17.51
C GLN B 242 -29.18 16.98 -18.79
N GLN B 243 -29.77 17.41 -19.90
CA GLN B 243 -29.43 16.86 -21.21
C GLN B 243 -27.91 16.88 -21.45
N ASN B 244 -27.40 15.72 -21.86
CA ASN B 244 -25.96 15.51 -22.08
C ASN B 244 -25.11 15.80 -20.88
N SER B 245 -25.67 15.76 -19.66
CA SER B 245 -24.79 15.76 -18.47
C SER B 245 -23.75 14.67 -18.61
N PRO B 246 -22.49 14.97 -18.29
CA PRO B 246 -21.50 13.90 -18.21
C PRO B 246 -21.43 13.20 -16.83
N TRP B 247 -22.28 13.66 -15.90
CA TRP B 247 -22.28 13.19 -14.52
C TRP B 247 -23.10 11.94 -14.43
N VAL B 248 -22.46 10.78 -14.47
CA VAL B 248 -23.21 9.51 -14.69
C VAL B 248 -23.55 8.67 -13.46
N ALA B 249 -22.84 8.87 -12.36
CA ALA B 249 -23.11 8.15 -11.14
C ALA B 249 -22.51 8.85 -9.92
N THR B 250 -23.23 8.66 -8.81
CA THR B 250 -22.75 9.06 -7.52
C THR B 250 -23.11 7.95 -6.51
N VAL B 251 -22.37 7.94 -5.41
CA VAL B 251 -22.58 7.07 -4.27
C VAL B 251 -22.73 7.93 -3.04
N GLY B 252 -23.84 7.77 -2.33
CA GLY B 252 -24.07 8.61 -1.15
C GLY B 252 -25.13 8.14 -0.18
N THR B 253 -25.38 9.01 0.81
CA THR B 253 -26.42 8.81 1.83
C THR B 253 -27.31 10.10 1.88
N ASP B 254 -28.41 10.03 2.61
CA ASP B 254 -29.18 11.23 2.88
C ASP B 254 -28.48 11.99 4.01
N SER B 255 -27.78 13.09 3.73
CA SER B 255 -27.02 13.79 4.80
C SER B 255 -27.95 14.36 5.90
N TYR B 256 -29.20 14.58 5.57
CA TYR B 256 -30.22 15.04 6.53
C TYR B 256 -30.40 14.00 7.62
N ALA B 257 -30.56 12.75 7.21
CA ALA B 257 -30.66 11.59 8.08
C ALA B 257 -29.38 11.35 8.88
N VAL B 258 -28.24 11.67 8.28
CA VAL B 258 -26.98 11.56 9.00
C VAL B 258 -26.88 12.62 10.11
N GLY B 259 -27.30 13.84 9.80
CA GLY B 259 -27.30 14.93 10.77
C GLY B 259 -28.24 14.63 11.93
N ARG B 260 -29.38 14.07 11.61
CA ARG B 260 -30.29 13.61 12.65
C ARG B 260 -29.62 12.60 13.58
N LEU B 261 -28.97 11.60 12.97
CA LEU B 261 -28.35 10.48 13.71
C LEU B 261 -27.34 11.02 14.68
N ALA B 262 -26.55 11.95 14.18
CA ALA B 262 -25.54 12.57 15.02
C ALA B 262 -26.21 13.10 16.31
N VAL B 263 -27.39 13.74 16.19
CA VAL B 263 -27.99 14.35 17.37
C VAL B 263 -28.63 13.29 18.25
N ARG B 264 -29.29 12.29 17.66
CA ARG B 264 -29.78 11.12 18.40
C ARG B 264 -28.73 10.45 19.20
N ALA B 265 -27.61 10.18 18.54
CA ALA B 265 -26.48 9.53 19.17
C ALA B 265 -26.04 10.26 20.44
N ALA B 266 -25.83 11.56 20.30
CA ALA B 266 -25.36 12.37 21.40
C ALA B 266 -26.43 12.43 22.51
N ALA B 267 -27.69 12.49 22.12
CA ALA B 267 -28.77 12.53 23.15
C ALA B 267 -28.85 11.18 23.87
N ALA B 268 -28.68 10.10 23.12
CA ALA B 268 -28.67 8.78 23.72
C ALA B 268 -27.51 8.64 24.73
N LEU B 269 -26.30 9.06 24.37
CA LEU B 269 -25.21 9.02 25.37
C LEU B 269 -25.58 9.83 26.60
N VAL B 270 -26.16 11.02 26.43
CA VAL B 270 -26.51 11.86 27.60
C VAL B 270 -27.46 11.10 28.53
N GLY B 271 -28.37 10.33 27.95
CA GLY B 271 -29.24 9.46 28.72
C GLY B 271 -28.60 8.22 29.30
N GLY B 272 -27.27 8.10 29.21
CA GLY B 272 -26.57 6.97 29.79
C GLY B 272 -26.62 5.69 28.97
N GLU B 273 -26.99 5.79 27.69
CA GLU B 273 -27.01 4.63 26.83
C GLU B 273 -25.58 4.28 26.38
N LYS B 274 -25.38 3.00 26.14
CA LYS B 274 -24.14 2.49 25.58
C LYS B 274 -24.43 2.32 24.10
N LEU B 275 -23.67 3.03 23.27
CA LEU B 275 -23.81 2.95 21.83
C LEU B 275 -22.73 2.02 21.22
N PRO B 276 -23.03 1.41 20.07
CA PRO B 276 -21.95 0.78 19.31
C PRO B 276 -20.79 1.74 19.03
N LYS B 277 -19.58 1.20 18.96
CA LYS B 277 -18.43 2.01 18.60
C LYS B 277 -18.53 2.58 17.19
N TYR B 278 -19.05 1.81 16.22
CA TYR B 278 -19.17 2.26 14.84
C TYR B 278 -20.63 2.29 14.44
N LEU B 279 -21.09 3.47 13.99
CA LEU B 279 -22.42 3.67 13.40
C LEU B 279 -22.26 4.02 11.91
N LEU B 280 -22.32 2.99 11.08
CA LEU B 280 -22.15 3.14 9.64
C LEU B 280 -23.51 3.38 8.93
N VAL B 281 -23.67 4.56 8.34
CA VAL B 281 -24.81 4.87 7.49
C VAL B 281 -24.50 4.28 6.14
N GLU B 282 -25.46 3.52 5.66
CA GLU B 282 -25.24 2.68 4.52
C GLU B 282 -25.43 3.46 3.22
N PRO B 283 -24.41 3.53 2.41
CA PRO B 283 -24.37 4.33 1.19
C PRO B 283 -24.90 3.62 0.01
N GLN B 284 -25.43 4.37 -0.93
CA GLN B 284 -26.15 3.81 -2.07
C GLN B 284 -25.61 4.29 -3.41
N LEU B 285 -25.50 3.41 -4.38
CA LEU B 285 -25.18 3.79 -5.78
C LEU B 285 -26.39 4.42 -6.46
N ILE B 286 -26.22 5.59 -7.05
CA ILE B 286 -27.31 6.35 -7.68
C ILE B 286 -26.79 6.76 -9.04
N THR B 287 -27.31 6.13 -10.09
CA THR B 287 -26.83 6.41 -11.44
C THR B 287 -27.69 7.45 -12.11
N ARG B 288 -27.12 8.20 -13.04
CA ARG B 288 -27.92 9.13 -13.83
C ARG B 288 -29.10 8.46 -14.51
N GLN B 289 -28.86 7.25 -15.03
CA GLN B 289 -29.90 6.48 -15.75
C GLN B 289 -31.07 6.14 -14.84
N PHE B 290 -30.74 5.82 -13.60
CA PHE B 290 -31.75 5.57 -12.58
C PHE B 290 -32.62 6.81 -12.30
N LEU B 291 -31.98 7.97 -12.19
CA LEU B 291 -32.74 9.21 -11.95
C LEU B 291 -33.71 9.50 -13.10
N VAL B 292 -33.16 9.55 -14.31
CA VAL B 292 -33.89 9.86 -15.54
C VAL B 292 -35.07 8.91 -15.71
N ASP B 293 -34.81 7.59 -15.62
CA ASP B 293 -35.83 6.55 -15.82
C ASP B 293 -37.01 6.73 -14.88
N ASN B 294 -36.75 7.32 -13.71
CA ASN B 294 -37.75 7.43 -12.66
C ASN B 294 -38.21 8.86 -12.40
N ASN B 295 -37.91 9.77 -13.33
CA ASN B 295 -38.26 11.18 -13.24
C ASN B 295 -38.02 11.76 -11.86
N ILE B 296 -36.89 11.39 -11.25
CA ILE B 296 -36.47 11.93 -9.96
C ILE B 296 -35.86 13.31 -10.23
N THR B 297 -36.27 14.30 -9.42
CA THR B 297 -35.88 15.70 -9.57
C THR B 297 -35.39 16.27 -8.23
N ASN B 298 -35.52 15.49 -7.16
CA ASN B 298 -35.18 15.96 -5.83
C ASN B 298 -35.09 14.82 -4.81
N MET B 299 -34.42 15.09 -3.70
CA MET B 299 -34.22 14.11 -2.64
C MET B 299 -35.52 13.43 -2.15
N ASP B 300 -36.63 14.14 -2.03
CA ASP B 300 -37.86 13.46 -1.58
C ASP B 300 -38.27 12.34 -2.55
N GLU B 301 -38.19 12.66 -3.83
CA GLU B 301 -38.44 11.70 -4.88
C GLU B 301 -37.42 10.60 -4.90
N LEU B 302 -36.14 10.90 -4.60
CA LEU B 302 -35.15 9.85 -4.60
C LEU B 302 -35.32 8.88 -3.44
N VAL B 303 -35.58 9.42 -2.26
CA VAL B 303 -35.72 8.59 -1.06
C VAL B 303 -36.98 7.74 -1.16
N LYS B 304 -38.01 8.26 -1.82
CA LYS B 304 -39.21 7.49 -2.09
C LYS B 304 -38.93 6.36 -3.10
N ALA B 305 -38.13 6.66 -4.11
CA ALA B 305 -37.78 5.70 -5.16
C ALA B 305 -36.74 4.66 -4.73
N LEU B 306 -35.94 4.97 -3.73
CA LEU B 306 -34.81 4.13 -3.35
C LEU B 306 -34.79 4.11 -1.82
N PRO B 307 -35.72 3.34 -1.22
CA PRO B 307 -36.03 3.47 0.23
C PRO B 307 -34.85 3.20 1.18
N ALA B 308 -33.84 2.48 0.72
CA ALA B 308 -32.62 2.24 1.55
C ALA B 308 -31.93 3.55 1.98
N LEU B 309 -32.25 4.66 1.30
CA LEU B 309 -31.85 6.02 1.72
C LEU B 309 -32.58 6.58 2.91
N GLY B 310 -33.79 6.06 3.17
CA GLY B 310 -34.70 6.51 4.23
C GLY B 310 -34.06 6.47 5.60
N GLU B 311 -34.47 7.40 6.46
CA GLU B 311 -33.73 7.67 7.69
C GLU B 311 -33.64 6.40 8.59
N SER B 312 -32.41 5.97 8.82
CA SER B 312 -32.09 4.67 9.39
C SER B 312 -32.86 4.32 10.66
N ASN B 313 -32.76 3.05 11.04
CA ASN B 313 -33.19 2.56 12.34
C ASN B 313 -32.10 2.64 13.43
N LEU B 314 -31.02 3.41 13.24
CA LEU B 314 -29.97 3.44 14.24
C LEU B 314 -30.26 4.36 15.43
N VAL B 315 -29.87 3.89 16.61
CA VAL B 315 -29.95 4.61 17.85
C VAL B 315 -31.37 5.14 18.11
N TRP B 316 -32.31 4.21 18.31
CA TRP B 316 -33.67 4.52 18.78
C TRP B 316 -33.99 3.75 20.07
N PRO B 317 -33.34 4.13 21.20
CA PRO B 317 -33.68 3.47 22.46
C PRO B 317 -35.14 3.74 22.76
N GLU B 318 -35.79 2.85 23.51
CA GLU B 318 -37.23 3.03 23.80
C GLU B 318 -37.60 4.43 24.27
N TRP B 319 -37.03 4.86 25.39
CA TRP B 319 -37.34 6.17 25.98
C TRP B 319 -37.19 7.36 25.04
N LEU B 320 -36.22 7.26 24.13
CA LEU B 320 -35.94 8.33 23.20
C LEU B 320 -37.03 8.45 22.16
N LYS B 321 -37.42 7.31 21.59
CA LYS B 321 -38.51 7.28 20.59
C LYS B 321 -39.77 7.72 21.29
N ALA B 322 -40.00 7.22 22.51
CA ALA B 322 -41.15 7.64 23.32
C ALA B 322 -41.16 9.15 23.54
N LEU B 323 -40.00 9.71 23.85
CA LEU B 323 -39.86 11.15 24.04
C LEU B 323 -40.27 11.95 22.80
N THR B 324 -39.88 11.51 21.61
CA THR B 324 -40.21 12.24 20.37
C THR B 324 -41.72 12.16 20.05
N GLU B 325 -42.36 11.06 20.45
CA GLU B 325 -43.81 10.91 20.31
C GLU B 325 -44.55 12.04 21.05
N LYS B 326 -44.34 12.11 22.37
CA LYS B 326 -44.82 13.22 23.23
C LYS B 326 -44.76 14.59 22.56
N ASN B 327 -43.68 14.86 21.83
CA ASN B 327 -43.50 16.15 21.15
C ASN B 327 -44.06 16.05 19.74
N GLN C 5 32.70 29.57 -22.26
CA GLN C 5 32.00 30.87 -22.49
C GLN C 5 31.12 31.28 -21.31
N LEU C 6 31.19 32.56 -20.94
CA LEU C 6 30.30 33.16 -19.96
C LEU C 6 28.97 33.55 -20.60
N PRO C 7 27.82 33.03 -20.10
CA PRO C 7 26.53 33.40 -20.74
C PRO C 7 26.32 34.92 -20.70
N LYS C 8 25.60 35.47 -21.68
CA LYS C 8 25.45 36.93 -21.82
C LYS C 8 24.90 37.57 -20.54
N LYS C 9 23.80 37.00 -20.01
CA LYS C 9 23.07 37.55 -18.86
C LYS C 9 23.94 37.72 -17.61
N PHE C 10 24.99 36.91 -17.49
CA PHE C 10 25.98 37.07 -16.43
C PHE C 10 27.09 37.98 -16.89
N PRO C 13 25.53 40.83 -13.84
CA PRO C 13 25.48 39.74 -12.85
C PRO C 13 24.48 40.01 -11.72
N LYS C 14 24.53 41.22 -11.15
CA LYS C 14 23.49 41.70 -10.22
C LYS C 14 22.13 41.76 -10.94
N ASN C 15 22.15 42.05 -12.25
CA ASN C 15 20.94 42.03 -13.07
C ASN C 15 20.20 40.71 -13.04
N VAL C 16 20.93 39.61 -12.85
CA VAL C 16 20.29 38.29 -12.68
C VAL C 16 19.56 38.22 -11.34
N ARG C 17 18.23 38.15 -11.40
CA ARG C 17 17.41 38.10 -10.19
C ARG C 17 16.78 36.72 -10.03
N ILE C 18 16.98 36.12 -8.86
CA ILE C 18 16.48 34.80 -8.53
C ILE C 18 15.62 34.91 -7.27
N ALA C 19 14.37 34.47 -7.37
CA ALA C 19 13.43 34.51 -6.25
C ALA C 19 13.31 33.16 -5.55
N LEU C 20 13.41 33.20 -4.24
CA LEU C 20 13.29 32.02 -3.42
C LEU C 20 11.96 32.16 -2.72
N VAL C 21 11.03 31.29 -3.05
CA VAL C 21 9.70 31.33 -2.47
C VAL C 21 9.53 30.09 -1.63
N ARG C 22 9.37 30.28 -0.32
CA ARG C 22 9.34 29.18 0.61
C ARG C 22 8.04 29.06 1.31
N GLU C 23 7.60 27.85 1.55
CA GLU C 23 6.41 27.62 2.36
C GLU C 23 6.70 27.84 3.83
N VAL C 24 7.87 27.42 4.28
CA VAL C 24 8.11 27.23 5.70
C VAL C 24 9.52 27.74 6.00
N GLY C 25 9.67 28.43 7.12
CA GLY C 25 10.99 28.94 7.51
C GLY C 25 11.41 28.68 8.95
N GLU C 26 10.62 27.95 9.73
CA GLU C 26 10.90 27.77 11.16
C GLU C 26 12.02 26.77 11.45
N GLY C 27 12.88 27.08 12.41
CA GLY C 27 13.89 26.13 12.88
C GLY C 27 15.22 26.24 12.14
N SER C 28 16.27 25.75 12.79
CA SER C 28 17.64 25.87 12.27
C SER C 28 17.92 25.19 10.91
N PHE C 29 17.38 24.02 10.64
CA PHE C 29 17.48 23.44 9.29
C PHE C 29 17.19 24.48 8.21
N PHE C 30 16.06 25.14 8.34
CA PHE C 30 15.59 26.04 7.32
C PHE C 30 16.39 27.35 7.35
N GLU C 31 16.84 27.77 8.53
CA GLU C 31 17.65 28.99 8.63
C GLU C 31 19.00 28.77 7.98
N ARG C 32 19.50 27.56 8.10
CA ARG C 32 20.83 27.24 7.56
CA ARG C 32 20.82 27.24 7.57
C ARG C 32 20.79 27.13 6.05
N TYR C 33 19.70 26.61 5.53
CA TYR C 33 19.46 26.53 4.07
C TYR C 33 19.46 27.92 3.49
N LEU C 34 18.70 28.81 4.14
CA LEU C 34 18.65 30.23 3.76
C LEU C 34 20.03 30.89 3.81
N ALA C 35 20.79 30.67 4.88
CA ALA C 35 22.15 31.20 4.92
C ALA C 35 22.97 30.70 3.73
N GLY C 36 22.89 29.39 3.44
CA GLY C 36 23.56 28.80 2.31
C GLY C 36 23.17 29.42 0.97
N ALA C 37 21.88 29.62 0.74
CA ALA C 37 21.42 30.25 -0.48
C ALA C 37 22.06 31.63 -0.58
N GLN C 38 22.03 32.40 0.49
CA GLN C 38 22.62 33.75 0.48
C GLN C 38 24.10 33.75 0.22
N SER C 39 24.84 32.80 0.78
CA SER C 39 26.27 32.73 0.49
C SER C 39 26.52 32.34 -0.96
N MET C 40 25.67 31.49 -1.57
CA MET C 40 25.88 31.14 -2.99
C MET C 40 25.57 32.33 -3.88
N ALA C 41 24.47 33.03 -3.59
CA ALA C 41 24.13 34.22 -4.38
C ALA C 41 25.27 35.24 -4.28
N ARG C 42 25.79 35.43 -3.06
CA ARG C 42 26.94 36.34 -2.87
C ARG C 42 28.10 35.96 -3.77
N GLU C 43 28.34 34.66 -3.88
CA GLU C 43 29.45 34.15 -4.67
C GLU C 43 29.31 34.32 -6.19
N LEU C 44 28.09 34.27 -6.71
CA LEU C 44 27.87 34.44 -8.15
C LEU C 44 27.79 35.92 -8.51
N GLY C 45 27.51 36.74 -7.50
CA GLY C 45 27.30 38.16 -7.69
C GLY C 45 25.88 38.44 -8.13
N VAL C 46 25.00 37.45 -8.02
CA VAL C 46 23.59 37.63 -8.43
C VAL C 46 22.75 38.15 -7.29
N THR C 47 21.55 38.60 -7.65
CA THR C 47 20.59 39.16 -6.70
C THR C 47 19.58 38.10 -6.32
N LEU C 48 19.51 37.80 -5.02
CA LEU C 48 18.58 36.83 -4.48
C LEU C 48 17.47 37.56 -3.75
N LEU C 49 16.24 37.30 -4.17
CA LEU C 49 15.04 37.80 -3.49
C LEU C 49 14.42 36.62 -2.75
N GLU C 50 13.75 36.91 -1.63
CA GLU C 50 13.29 35.90 -0.69
C GLU C 50 11.85 36.25 -0.31
N ALA C 51 10.99 35.25 -0.25
CA ALA C 51 9.63 35.47 0.25
C ALA C 51 9.25 34.17 0.95
N THR C 52 8.60 34.26 2.10
CA THR C 52 8.30 33.06 2.87
C THR C 52 6.86 33.18 3.25
N ALA C 53 6.10 32.14 2.98
CA ALA C 53 4.66 32.17 3.23
C ALA C 53 4.17 31.72 4.61
N HIS C 54 5.05 31.12 5.41
CA HIS C 54 4.74 30.58 6.75
C HIS C 54 3.45 29.80 6.79
N GLY C 55 3.30 28.90 5.83
CA GLY C 55 2.29 27.89 5.89
C GLY C 55 1.00 28.30 5.20
N ASP C 56 0.92 29.51 4.66
CA ASP C 56 -0.32 30.00 4.02
C ASP C 56 -0.25 29.83 2.49
N MET C 57 -0.91 28.80 1.98
CA MET C 57 -0.80 28.50 0.56
C MET C 57 -1.28 29.67 -0.31
N ALA C 58 -2.33 30.38 0.12
CA ALA C 58 -2.87 31.51 -0.67
C ALA C 58 -1.85 32.63 -0.73
N ARG C 59 -1.16 32.87 0.37
CA ARG C 59 -0.04 33.82 0.37
C ARG C 59 1.08 33.35 -0.55
N MET C 60 1.31 32.02 -0.58
CA MET C 60 2.37 31.45 -1.43
C MET C 60 2.15 31.71 -2.93
N VAL C 61 0.93 31.48 -3.40
CA VAL C 61 0.52 31.77 -4.77
C VAL C 61 0.71 33.24 -5.15
N THR C 62 0.25 34.18 -4.30
CA THR C 62 0.48 35.63 -4.53
C THR C 62 1.98 36.00 -4.58
N MET C 63 2.79 35.36 -3.74
CA MET C 63 4.23 35.64 -3.77
C MET C 63 4.84 35.20 -5.12
N ILE C 64 4.41 34.06 -5.63
CA ILE C 64 4.98 33.53 -6.86
C ILE C 64 4.58 34.47 -7.99
N GLU C 65 3.30 34.80 -8.00
CA GLU C 65 2.74 35.77 -8.91
C GLU C 65 3.44 37.13 -8.85
N ASN C 66 3.81 37.62 -7.67
CA ASN C 66 4.55 38.91 -7.60
C ASN C 66 5.85 38.73 -8.35
N PHE C 67 6.53 37.60 -8.16
CA PHE C 67 7.81 37.40 -8.84
C PHE C 67 7.66 37.23 -10.36
N ILE C 68 6.54 36.64 -10.78
CA ILE C 68 6.24 36.53 -12.22
C ILE C 68 6.10 37.92 -12.84
N THR C 69 5.26 38.74 -12.22
CA THR C 69 5.08 40.14 -12.63
C THR C 69 6.40 40.91 -12.71
N GLN C 70 7.23 40.76 -11.68
CA GLN C 70 8.57 41.36 -11.70
C GLN C 70 9.50 40.77 -12.79
N ARG C 71 9.07 39.68 -13.45
CA ARG C 71 9.86 38.99 -14.44
C ARG C 71 11.29 38.75 -13.92
N VAL C 72 11.40 38.11 -12.77
CA VAL C 72 12.71 37.59 -12.32
C VAL C 72 13.20 36.56 -13.35
N ASP C 73 14.50 36.35 -13.37
CA ASP C 73 15.10 35.36 -14.23
C ASP C 73 14.71 33.90 -13.85
N ALA C 74 14.59 33.64 -12.55
CA ALA C 74 14.17 32.31 -12.12
C ALA C 74 13.51 32.32 -10.75
N ILE C 75 12.65 31.33 -10.52
CA ILE C 75 12.07 31.07 -9.22
C ILE C 75 12.48 29.70 -8.63
N ILE C 76 12.96 29.70 -7.39
CA ILE C 76 13.05 28.49 -6.61
C ILE C 76 11.76 28.35 -5.78
N ILE C 77 11.06 27.26 -6.01
CA ILE C 77 9.95 26.88 -5.17
C ILE C 77 10.34 25.85 -4.12
N ASP C 78 10.25 26.29 -2.87
CA ASP C 78 10.66 25.53 -1.72
C ASP C 78 9.45 25.04 -0.91
N HIS C 79 9.25 23.74 -0.89
CA HIS C 79 8.09 23.10 -0.32
C HIS C 79 6.83 23.54 -1.09
N GLY C 80 5.69 23.55 -0.41
CA GLY C 80 4.43 23.90 -1.03
C GLY C 80 3.76 22.62 -1.45
N ARG C 81 2.57 22.69 -2.07
CA ARG C 81 1.93 21.49 -2.58
C ARG C 81 1.59 21.67 -4.04
N PRO C 82 1.54 20.57 -4.80
CA PRO C 82 1.50 20.79 -6.23
C PRO C 82 0.16 21.31 -6.67
N ASP C 83 -0.93 20.90 -6.03
CA ASP C 83 -2.19 21.29 -6.63
C ASP C 83 -2.32 22.81 -6.62
N PRO C 84 -2.14 23.44 -5.44
CA PRO C 84 -2.31 24.92 -5.47
C PRO C 84 -1.30 25.63 -6.41
N LEU C 85 -0.08 25.13 -6.47
CA LEU C 85 1.02 25.84 -7.15
C LEU C 85 1.22 25.57 -8.65
N MET C 86 0.67 24.46 -9.16
CA MET C 86 0.98 23.98 -10.52
C MET C 86 0.75 25.03 -11.61
N PRO C 87 -0.38 25.76 -11.56
CA PRO C 87 -0.67 26.75 -12.62
C PRO C 87 0.26 27.99 -12.60
N LYS C 88 0.64 28.42 -11.41
CA LYS C 88 1.64 29.48 -11.26
C LYS C 88 2.99 29.02 -11.84
N ILE C 89 3.36 27.77 -11.60
CA ILE C 89 4.61 27.19 -12.14
C ILE C 89 4.54 27.14 -13.67
N LYS C 90 3.43 26.66 -14.24
CA LYS C 90 3.30 26.58 -15.69
C LYS C 90 3.31 27.95 -16.33
N GLU C 91 2.56 28.89 -15.74
CA GLU C 91 2.57 30.26 -16.22
C GLU C 91 3.99 30.82 -16.26
N ALA C 92 4.70 30.71 -15.14
CA ALA C 92 6.06 31.16 -15.05
C ALA C 92 6.93 30.60 -16.18
N LEU C 93 6.89 29.28 -16.36
CA LEU C 93 7.60 28.60 -17.45
C LEU C 93 7.30 29.17 -18.83
N ASP C 94 6.01 29.42 -19.11
CA ASP C 94 5.62 30.01 -20.36
C ASP C 94 6.16 31.43 -20.59
N ARG C 95 6.31 32.18 -19.52
CA ARG C 95 6.86 33.55 -19.59
C ARG C 95 8.38 33.55 -19.70
N GLY C 96 9.02 32.37 -19.63
CA GLY C 96 10.46 32.31 -19.84
C GLY C 96 11.23 32.39 -18.54
N ILE C 97 10.50 32.28 -17.43
CA ILE C 97 11.13 32.21 -16.12
C ILE C 97 11.52 30.75 -15.88
N ARG C 98 12.76 30.57 -15.41
CA ARG C 98 13.26 29.23 -15.12
C ARG C 98 12.82 28.89 -13.69
N VAL C 99 12.48 27.63 -13.48
CA VAL C 99 11.99 27.14 -12.17
C VAL C 99 12.74 25.92 -11.73
N VAL C 100 13.08 25.85 -10.47
CA VAL C 100 13.62 24.65 -9.89
C VAL C 100 12.94 24.51 -8.58
N THR C 101 12.75 23.29 -8.09
CA THR C 101 12.16 23.12 -6.79
C THR C 101 13.05 22.39 -5.82
N PHE C 102 12.75 22.65 -4.56
CA PHE C 102 13.30 21.92 -3.44
C PHE C 102 12.08 21.39 -2.75
N ASP C 103 11.99 20.07 -2.63
CA ASP C 103 10.91 19.47 -1.86
C ASP C 103 9.54 19.72 -2.43
N LEU C 104 9.45 19.73 -3.76
CA LEU C 104 8.09 19.74 -4.42
C LEU C 104 8.18 18.97 -5.71
N VAL C 105 7.28 18.01 -5.88
CA VAL C 105 7.29 17.12 -7.02
C VAL C 105 6.53 17.78 -8.16
N VAL C 106 7.16 18.00 -9.31
CA VAL C 106 6.41 18.59 -10.45
C VAL C 106 6.52 17.79 -11.75
N ASP C 107 5.35 17.53 -12.34
CA ASP C 107 5.21 16.78 -13.59
C ASP C 107 5.54 17.65 -14.79
N ASP C 108 6.79 18.08 -14.91
CA ASP C 108 7.19 18.88 -16.07
C ASP C 108 8.69 18.74 -16.18
N ASN C 109 9.17 18.29 -17.33
CA ASN C 109 10.60 17.98 -17.55
C ASN C 109 11.53 19.20 -17.56
N ARG C 110 10.96 20.40 -17.61
CA ARG C 110 11.75 21.65 -17.56
C ARG C 110 12.23 22.03 -16.15
N VAL C 111 11.63 21.42 -15.13
CA VAL C 111 11.86 21.77 -13.72
C VAL C 111 12.62 20.71 -12.97
N PRO C 112 13.91 20.95 -12.75
CA PRO C 112 14.62 20.07 -11.88
C PRO C 112 14.06 20.10 -10.49
N GLU C 113 14.09 18.92 -9.87
CA GLU C 113 13.68 18.73 -8.52
C GLU C 113 14.89 18.35 -7.63
N ILE C 114 15.20 19.22 -6.68
CA ILE C 114 16.19 18.97 -5.62
C ILE C 114 15.51 18.31 -4.42
N GLU C 115 16.07 17.21 -3.94
CA GLU C 115 15.68 16.70 -2.65
C GLU C 115 16.82 15.98 -1.99
N GLN C 116 16.59 15.59 -0.74
CA GLN C 116 17.63 14.92 0.03
C GLN C 116 17.56 13.41 -0.01
N ASP C 117 17.03 12.90 -1.13
CA ASP C 117 16.78 11.47 -1.33
C ASP C 117 15.92 11.05 -0.16
N ASP C 118 14.70 11.56 -0.12
CA ASP C 118 13.85 11.30 1.07
C ASP C 118 13.37 9.84 1.28
N LEU C 119 13.25 9.11 0.18
CA LEU C 119 12.97 7.70 0.26
C LEU C 119 14.16 6.99 0.95
N LEU C 120 15.38 7.29 0.57
CA LEU C 120 16.48 6.70 1.31
C LEU C 120 16.52 7.10 2.79
N ILE C 121 16.29 8.39 3.09
CA ILE C 121 16.28 8.90 4.45
C ILE C 121 15.27 8.12 5.28
N GLY C 122 14.04 7.99 4.77
CA GLY C 122 12.98 7.29 5.51
C GLY C 122 13.26 5.82 5.78
N TYR C 123 13.94 5.17 4.83
CA TYR C 123 14.39 3.82 4.94
C TYR C 123 15.56 3.75 5.92
N LEU C 124 16.53 4.63 5.79
CA LEU C 124 17.70 4.49 6.66
C LEU C 124 17.35 4.69 8.11
N ILE C 125 16.55 5.71 8.42
CA ILE C 125 16.28 5.98 9.83
C ILE C 125 15.34 4.94 10.38
N SER C 126 14.29 4.57 9.61
CA SER C 126 13.34 3.57 10.10
C SER C 126 13.98 2.17 10.35
N LYS C 127 14.82 1.71 9.43
CA LYS C 127 15.63 0.48 9.59
C LYS C 127 16.57 0.56 10.79
N GLN C 128 17.15 1.73 11.06
CA GLN C 128 18.11 1.88 12.19
C GLN C 128 17.35 1.62 13.50
N LEU C 129 16.12 2.16 13.60
CA LEU C 129 15.31 1.90 14.75
C LEU C 129 15.03 0.37 14.85
N ALA C 130 14.62 -0.25 13.74
CA ALA C 130 14.20 -1.66 13.71
C ALA C 130 15.28 -2.58 14.15
N VAL C 131 16.44 -2.42 13.55
CA VAL C 131 17.62 -3.16 13.92
C VAL C 131 18.10 -2.92 15.40
N ASP C 132 18.13 -1.67 15.86
CA ASP C 132 18.49 -1.41 17.23
C ASP C 132 17.60 -2.10 18.21
N PHE C 133 16.32 -2.26 17.88
CA PHE C 133 15.40 -2.96 18.73
C PHE C 133 15.22 -4.46 18.37
N ALA C 134 16.09 -5.02 17.53
CA ALA C 134 15.92 -6.41 17.04
C ALA C 134 14.47 -6.69 16.60
N GLY C 135 13.85 -5.72 15.92
CA GLY C 135 12.50 -5.85 15.35
C GLY C 135 11.31 -5.87 16.29
N ASN C 136 11.54 -5.60 17.58
CA ASN C 136 10.45 -5.39 18.56
C ASN C 136 10.54 -4.03 19.28
N ALA C 137 9.53 -3.18 19.05
CA ALA C 137 9.46 -1.85 19.64
C ALA C 137 8.04 -1.33 19.59
N ASN C 138 7.70 -0.47 20.57
CA ASN C 138 6.45 0.30 20.60
C ASN C 138 6.71 1.80 20.29
N VAL C 139 6.44 2.19 19.06
CA VAL C 139 6.93 3.44 18.52
C VAL C 139 5.87 4.50 18.53
N ILE C 140 6.26 5.65 19.08
CA ILE C 140 5.58 6.96 18.87
C ILE C 140 6.13 7.63 17.62
N TYR C 141 5.29 7.74 16.60
CA TYR C 141 5.69 8.25 15.29
C TYR C 141 5.32 9.72 15.22
N VAL C 142 6.30 10.56 14.93
CA VAL C 142 6.03 12.00 14.85
C VAL C 142 6.24 12.48 13.42
N ASN C 143 5.11 12.73 12.76
CA ASN C 143 5.10 13.15 11.38
C ASN C 143 3.70 13.54 11.03
N VAL C 144 3.58 14.26 9.92
CA VAL C 144 2.29 14.79 9.43
C VAL C 144 2.25 14.75 7.91
N GLY C 145 1.06 14.59 7.35
CA GLY C 145 0.87 14.57 5.91
C GLY C 145 0.87 15.96 5.29
N GLY C 146 0.94 16.01 3.96
CA GLY C 146 0.90 17.27 3.23
C GLY C 146 2.22 17.95 2.94
N PHE C 147 3.32 17.30 3.29
CA PHE C 147 4.65 17.80 2.95
C PHE C 147 5.44 16.75 2.17
N ALA C 148 5.94 17.15 1.00
CA ALA C 148 6.68 16.23 0.11
C ALA C 148 7.68 15.34 0.82
N PRO C 149 8.63 15.95 1.50
CA PRO C 149 9.62 15.09 2.13
C PRO C 149 9.00 14.20 3.23
N LEU C 150 8.05 14.73 3.99
CA LEU C 150 7.47 13.95 5.07
C LEU C 150 6.72 12.75 4.54
N ASP C 151 6.00 12.96 3.42
CA ASP C 151 5.21 11.91 2.77
C ASP C 151 6.09 10.81 2.15
N LYS C 152 7.17 11.20 1.47
CA LYS C 152 8.20 10.27 1.03
C LYS C 152 8.75 9.45 2.22
N ARG C 153 9.18 10.12 3.27
CA ARG C 153 9.67 9.38 4.44
C ARG C 153 8.59 8.50 5.01
N ASP C 154 7.34 8.98 5.02
CA ASP C 154 6.26 8.16 5.59
C ASP C 154 6.13 6.76 4.93
N LYS C 155 6.23 6.71 3.60
CA LYS C 155 6.11 5.46 2.83
C LYS C 155 7.09 4.42 3.28
N MET C 156 8.30 4.89 3.61
CA MET C 156 9.35 3.99 4.02
C MET C 156 9.11 3.49 5.42
N TRP C 157 8.50 4.31 6.29
CA TRP C 157 8.05 3.81 7.59
C TRP C 157 7.04 2.68 7.46
N GLN C 158 6.06 2.85 6.59
CA GLN C 158 5.10 1.79 6.38
C GLN C 158 5.78 0.47 5.95
N ILE C 159 6.87 0.54 5.15
CA ILE C 159 7.53 -0.65 4.66
C ILE C 159 8.33 -1.32 5.78
N ILE C 160 8.96 -0.52 6.61
CA ILE C 160 9.60 -1.07 7.80
C ILE C 160 8.58 -1.77 8.69
N LYS C 161 7.39 -1.21 8.83
CA LYS C 161 6.40 -1.94 9.65
C LYS C 161 5.99 -3.29 9.04
N TRP C 162 5.99 -3.34 7.72
CA TRP C 162 5.69 -4.57 7.00
C TRP C 162 6.81 -5.63 7.16
N ARG C 163 8.06 -5.23 7.00
CA ARG C 163 9.19 -6.19 7.04
C ARG C 163 9.44 -6.66 8.44
N PHE C 164 9.29 -5.74 9.40
CA PHE C 164 9.48 -6.01 10.82
C PHE C 164 8.15 -5.86 11.61
N PRO C 165 7.35 -6.92 11.68
CA PRO C 165 6.01 -6.72 12.24
C PRO C 165 5.95 -6.62 13.77
N GLY C 166 7.07 -6.83 14.45
CA GLY C 166 7.16 -6.46 15.83
C GLY C 166 7.43 -4.98 16.10
N ILE C 167 7.72 -4.19 15.06
CA ILE C 167 7.92 -2.76 15.19
C ILE C 167 6.55 -2.14 15.04
N LYS C 168 5.98 -1.69 16.16
CA LYS C 168 4.54 -1.34 16.17
C LYS C 168 4.38 0.17 16.28
N GLU C 169 3.44 0.75 15.53
CA GLU C 169 3.13 2.15 15.70
C GLU C 169 2.07 2.18 16.79
N VAL C 170 2.36 2.80 17.92
CA VAL C 170 1.36 2.91 19.00
C VAL C 170 0.73 4.30 19.09
N ALA C 171 1.36 5.30 18.46
CA ALA C 171 0.78 6.64 18.26
C ALA C 171 1.46 7.36 17.11
N LYS C 172 0.65 8.15 16.39
CA LYS C 172 1.09 9.18 15.43
C LYS C 172 0.78 10.60 15.91
N ILE C 173 1.79 11.44 16.06
CA ILE C 173 1.53 12.80 16.54
C ILE C 173 2.27 13.78 15.70
N GLY C 174 1.91 15.03 15.86
CA GLY C 174 2.59 16.10 15.18
C GLY C 174 1.76 16.96 14.26
N ALA C 175 2.08 18.25 14.30
CA ALA C 175 1.56 19.25 13.38
C ALA C 175 2.65 20.29 13.17
N VAL C 176 2.64 20.88 11.98
CA VAL C 176 3.56 21.95 11.65
C VAL C 176 2.85 23.28 11.91
N THR C 177 3.33 24.03 12.90
CA THR C 177 2.54 25.13 13.45
C THR C 177 3.18 26.49 13.40
N GLY C 178 4.49 26.59 13.15
CA GLY C 178 5.20 27.82 13.48
C GLY C 178 5.88 27.84 14.84
N SER C 179 5.45 26.97 15.74
CA SER C 179 6.13 26.72 17.03
C SER C 179 6.13 25.20 17.24
N THR C 180 6.65 24.51 16.24
CA THR C 180 6.50 23.07 16.13
C THR C 180 7.20 22.31 17.24
N ALA C 181 8.45 22.66 17.56
CA ALA C 181 9.18 22.00 18.64
C ALA C 181 8.43 22.09 19.96
N ALA C 182 8.04 23.31 20.36
CA ALA C 182 7.23 23.56 21.57
C ALA C 182 5.87 22.86 21.53
N ASP C 183 5.21 22.87 20.38
CA ASP C 183 3.92 22.17 20.31
C ASP C 183 4.09 20.65 20.35
N THR C 184 5.16 20.13 19.76
CA THR C 184 5.47 18.69 19.80
C THR C 184 5.86 18.24 21.22
N GLN C 185 6.47 19.13 22.01
CA GLN C 185 6.77 18.77 23.38
C GLN C 185 5.45 18.48 24.14
N THR C 186 4.50 19.37 23.95
CA THR C 186 3.23 19.27 24.66
C THR C 186 2.56 17.96 24.28
N ARG C 187 2.49 17.69 22.99
CA ARG C 187 1.88 16.46 22.47
C ARG C 187 2.59 15.23 23.02
N MET C 188 3.92 15.26 23.08
CA MET C 188 4.68 14.12 23.51
C MET C 188 4.38 13.80 24.99
N GLU C 189 4.22 14.85 25.84
CA GLU C 189 3.85 14.69 27.26
C GLU C 189 2.57 13.87 27.36
N ALA C 190 1.58 14.23 26.54
CA ALA C 190 0.28 13.51 26.53
C ALA C 190 0.40 12.10 25.97
N ALA C 191 1.16 11.93 24.87
CA ALA C 191 1.38 10.62 24.23
C ALA C 191 2.06 9.59 25.15
N MET C 192 3.02 10.02 25.97
CA MET C 192 3.67 9.14 26.93
C MET C 192 2.69 8.67 28.00
N LYS C 193 1.74 9.53 28.39
CA LYS C 193 0.74 9.10 29.37
C LYS C 193 -0.31 8.21 28.74
N GLU C 194 -0.69 8.45 27.48
CA GLU C 194 -1.70 7.63 26.82
C GLU C 194 -1.12 6.23 26.44
N LYS C 195 0.16 6.17 26.10
CA LYS C 195 0.84 4.91 25.71
C LYS C 195 2.06 4.65 26.58
N PRO C 196 1.84 4.14 27.78
CA PRO C 196 3.01 3.94 28.64
C PRO C 196 3.90 2.79 28.16
N GLU C 197 3.41 1.97 27.25
CA GLU C 197 4.20 0.88 26.68
C GLU C 197 5.20 1.40 25.63
N ALA C 198 5.10 2.68 25.21
CA ALA C 198 5.91 3.16 24.11
C ALA C 198 7.36 3.25 24.60
N ASN C 199 8.31 2.83 23.77
CA ASN C 199 9.74 2.91 24.14
C ASN C 199 10.66 3.44 23.01
N ALA C 200 10.08 3.90 21.91
CA ALA C 200 10.90 4.56 20.88
C ALA C 200 10.15 5.68 20.25
N VAL C 201 10.89 6.66 19.75
CA VAL C 201 10.33 7.75 18.95
C VAL C 201 11.02 7.83 17.59
N LEU C 202 10.20 7.96 16.56
CA LEU C 202 10.66 8.17 15.22
C LEU C 202 10.02 9.48 14.73
N ALA C 203 10.86 10.46 14.53
CA ALA C 203 10.44 11.83 14.25
C ALA C 203 11.08 12.27 12.96
N MET C 204 10.24 12.60 12.00
CA MET C 204 10.68 12.78 10.61
C MET C 204 11.12 14.25 10.25
N TRP C 205 11.27 15.12 11.23
CA TRP C 205 11.90 16.47 11.05
C TRP C 205 12.61 16.81 12.35
N ASP C 206 13.83 17.43 12.36
CA ASP C 206 14.47 17.68 13.63
C ASP C 206 13.68 18.56 14.60
N GLU C 207 12.79 19.42 14.13
CA GLU C 207 11.94 20.22 15.02
C GLU C 207 10.92 19.36 15.80
N PHE C 208 10.43 18.31 15.18
CA PHE C 208 9.57 17.34 15.88
C PHE C 208 10.43 16.62 16.94
N ALA C 209 11.62 16.17 16.51
CA ALA C 209 12.52 15.43 17.42
C ALA C 209 12.87 16.24 18.68
N LYS C 210 13.18 17.53 18.50
CA LYS C 210 13.61 18.40 19.60
C LYS C 210 12.52 18.49 20.63
N GLY C 211 11.28 18.67 20.19
CA GLY C 211 10.17 18.65 21.12
C GLY C 211 10.03 17.38 21.87
N ALA C 212 10.16 16.26 21.17
CA ALA C 212 10.01 14.93 21.76
C ALA C 212 11.06 14.64 22.81
N VAL C 213 12.30 15.00 22.50
CA VAL C 213 13.42 14.79 23.42
C VAL C 213 13.29 15.61 24.67
N ARG C 214 12.90 16.89 24.53
CA ARG C 214 12.73 17.72 25.69
C ARG C 214 11.59 17.20 26.57
N ALA C 215 10.51 16.73 25.97
CA ALA C 215 9.42 16.12 26.75
C ALA C 215 9.93 14.93 27.57
N ILE C 216 10.71 14.08 26.93
CA ILE C 216 11.32 12.89 27.55
C ILE C 216 12.26 13.29 28.72
N MET C 217 13.09 14.29 28.50
CA MET C 217 14.05 14.64 29.53
C MET C 217 13.33 15.30 30.70
N GLN C 218 12.34 16.15 30.42
CA GLN C 218 11.62 16.80 31.49
C GLN C 218 10.93 15.77 32.38
N ALA C 219 10.35 14.74 31.76
CA ALA C 219 9.70 13.68 32.51
C ALA C 219 10.69 12.80 33.26
N GLY C 220 11.97 12.89 32.93
CA GLY C 220 13.00 12.13 33.64
C GLY C 220 13.14 10.72 33.07
N LYS C 221 12.62 10.52 31.87
CA LYS C 221 12.51 9.20 31.24
C LYS C 221 13.54 8.91 30.13
N SER C 222 14.69 9.56 30.21
CA SER C 222 15.67 9.37 29.16
C SER C 222 16.07 7.91 28.92
N ASP C 223 16.00 7.07 29.95
CA ASP C 223 16.47 5.69 29.79
C ASP C 223 15.38 4.70 29.36
N GLN C 224 14.13 5.16 29.31
CA GLN C 224 13.01 4.35 28.81
C GLN C 224 12.71 4.59 27.33
N PHE C 225 13.46 5.51 26.70
CA PHE C 225 13.24 5.87 25.31
C PHE C 225 14.51 5.94 24.49
N LYS C 226 14.33 5.70 23.20
CA LYS C 226 15.38 5.96 22.22
C LYS C 226 14.73 6.72 21.07
N VAL C 227 15.35 7.80 20.66
CA VAL C 227 14.78 8.69 19.66
C VAL C 227 15.60 8.67 18.39
N TYR C 228 14.90 8.52 17.27
CA TYR C 228 15.46 8.46 15.92
C TYR C 228 14.82 9.63 15.16
N SER C 229 15.63 10.42 14.48
CA SER C 229 15.12 11.56 13.72
C SER C 229 15.73 11.69 12.32
N VAL C 230 15.30 12.73 11.65
CA VAL C 230 15.90 13.20 10.46
C VAL C 230 16.44 14.60 10.73
N ASP C 231 17.41 14.99 9.91
CA ASP C 231 18.04 16.32 9.91
C ASP C 231 19.14 16.39 10.94
N VAL C 232 20.11 17.22 10.65
CA VAL C 232 21.20 17.48 11.60
C VAL C 232 21.55 18.97 11.51
N THR C 233 21.77 19.56 12.67
CA THR C 233 22.27 20.94 12.80
C THR C 233 23.17 20.95 14.03
N THR C 234 23.83 22.07 14.29
CA THR C 234 24.60 22.23 15.53
C THR C 234 23.69 22.12 16.77
N GLU C 235 22.52 22.75 16.72
CA GLU C 235 21.53 22.57 17.78
C GLU C 235 21.22 21.09 18.04
N ASP C 236 20.94 20.34 16.97
CA ASP C 236 20.73 18.91 17.08
C ASP C 236 21.89 18.18 17.70
N ILE C 237 23.07 18.40 17.14
CA ILE C 237 24.33 17.86 17.74
C ILE C 237 24.44 18.10 19.25
N GLN C 238 24.25 19.36 19.67
CA GLN C 238 24.39 19.75 21.09
C GLN C 238 23.40 18.98 21.91
N MET C 239 22.18 18.88 21.42
CA MET C 239 21.21 18.14 22.14
C MET C 239 21.44 16.60 22.11
N MET C 240 22.09 16.07 21.07
CA MET C 240 22.41 14.64 21.00
C MET C 240 23.54 14.26 21.98
N ILE C 241 24.48 15.15 22.15
CA ILE C 241 25.68 14.77 22.92
C ILE C 241 25.54 14.96 24.43
N GLN C 242 24.41 15.49 24.86
CA GLN C 242 24.11 15.62 26.30
C GLN C 242 24.16 14.27 26.99
N GLN C 243 24.65 14.29 28.24
CA GLN C 243 24.61 13.11 29.08
C GLN C 243 23.18 12.57 29.19
N ASN C 244 23.06 11.25 29.11
CA ASN C 244 21.80 10.55 29.20
C ASN C 244 20.82 10.91 28.10
N SER C 245 21.24 11.65 27.06
CA SER C 245 20.31 11.95 25.96
C SER C 245 19.66 10.67 25.42
N PRO C 246 18.34 10.68 25.24
CA PRO C 246 17.71 9.57 24.54
C PRO C 246 17.84 9.67 23.01
N TRP C 247 18.44 10.75 22.51
CA TRP C 247 18.51 10.96 21.06
C TRP C 247 19.67 10.18 20.47
N VAL C 248 19.39 9.03 19.85
CA VAL C 248 20.52 8.10 19.50
C VAL C 248 21.05 8.14 18.05
N ALA C 249 20.21 8.56 17.12
CA ALA C 249 20.60 8.67 15.73
C ALA C 249 19.68 9.63 14.97
N THR C 250 20.28 10.26 13.95
CA THR C 250 19.56 11.03 12.95
C THR C 250 20.22 10.75 11.59
N VAL C 251 19.42 10.95 10.57
CA VAL C 251 19.83 10.82 9.20
C VAL C 251 19.61 12.16 8.52
N GLY C 252 20.65 12.68 7.89
CA GLY C 252 20.49 13.97 7.19
C GLY C 252 21.60 14.44 6.30
N THR C 253 21.49 15.72 5.91
CA THR C 253 22.40 16.40 4.98
C THR C 253 22.80 17.73 5.58
N ASP C 254 23.80 18.36 4.99
CA ASP C 254 24.13 19.75 5.36
C ASP C 254 23.16 20.71 4.64
N SER C 255 22.16 21.27 5.35
CA SER C 255 21.10 22.10 4.71
C SER C 255 21.68 23.35 4.06
N TYR C 256 22.77 23.85 4.60
CA TYR C 256 23.53 24.98 4.06
C TYR C 256 23.97 24.70 2.62
N ALA C 257 24.54 23.53 2.39
CA ALA C 257 24.92 23.06 1.06
C ALA C 257 23.68 22.78 0.19
N VAL C 258 22.59 22.35 0.80
CA VAL C 258 21.39 22.14 0.00
C VAL C 258 20.96 23.51 -0.53
N GLY C 259 21.05 24.52 0.33
CA GLY C 259 20.65 25.87 -0.04
C GLY C 259 21.55 26.50 -1.09
N ARG C 260 22.86 26.38 -0.93
CA ARG C 260 23.77 26.73 -1.99
C ARG C 260 23.40 26.04 -3.29
N LEU C 261 23.20 24.74 -3.27
CA LEU C 261 22.82 23.98 -4.45
C LEU C 261 21.59 24.59 -5.17
N ALA C 262 20.61 24.98 -4.38
CA ALA C 262 19.37 25.47 -4.98
C ALA C 262 19.62 26.75 -5.77
N VAL C 263 20.51 27.61 -5.27
CA VAL C 263 20.80 28.84 -5.97
C VAL C 263 21.63 28.56 -7.21
N ARG C 264 22.62 27.67 -7.07
CA ARG C 264 23.48 27.26 -8.19
C ARG C 264 22.67 26.72 -9.31
N ALA C 265 21.67 25.88 -8.99
CA ALA C 265 20.80 25.29 -10.00
C ALA C 265 20.05 26.36 -10.75
N ALA C 266 19.46 27.26 -9.97
CA ALA C 266 18.71 28.37 -10.52
C ALA C 266 19.60 29.15 -11.46
N ALA C 267 20.81 29.46 -11.01
CA ALA C 267 21.71 30.29 -11.80
C ALA C 267 22.16 29.54 -13.06
N ALA C 268 22.35 28.23 -12.95
CA ALA C 268 22.67 27.40 -14.10
C ALA C 268 21.59 27.47 -15.18
N LEU C 269 20.33 27.35 -14.77
CA LEU C 269 19.23 27.41 -15.75
C LEU C 269 19.21 28.75 -16.47
N VAL C 270 19.39 29.83 -15.73
CA VAL C 270 19.40 31.17 -16.34
C VAL C 270 20.52 31.27 -17.39
N GLY C 271 21.68 30.68 -17.08
CA GLY C 271 22.76 30.52 -18.06
C GLY C 271 22.52 29.60 -19.26
N GLY C 272 21.34 28.98 -19.36
CA GLY C 272 20.99 28.15 -20.50
C GLY C 272 21.36 26.68 -20.37
N GLU C 273 21.87 26.29 -19.21
CA GLU C 273 22.27 24.91 -18.96
C GLU C 273 21.06 23.99 -18.74
N LYS C 274 21.15 22.79 -19.32
CA LYS C 274 20.18 21.73 -19.08
C LYS C 274 20.66 20.94 -17.87
N LEU C 275 19.79 20.82 -16.87
CA LEU C 275 20.11 20.15 -15.64
C LEU C 275 19.44 18.80 -15.58
N PRO C 276 20.02 17.89 -14.79
CA PRO C 276 19.31 16.67 -14.53
C PRO C 276 17.89 16.96 -13.94
N LYS C 277 16.94 16.09 -14.20
CA LYS C 277 15.61 16.24 -13.66
C LYS C 277 15.61 16.06 -12.15
N TYR C 278 16.45 15.15 -11.62
CA TYR C 278 16.51 14.88 -10.19
C TYR C 278 17.91 15.19 -9.66
N LEU C 279 17.98 16.07 -8.66
CA LEU C 279 19.24 16.43 -8.00
C LEU C 279 19.07 15.94 -6.56
N LEU C 280 19.57 14.74 -6.32
CA LEU C 280 19.46 14.13 -5.00
C LEU C 280 20.74 14.42 -4.20
N VAL C 281 20.57 15.10 -3.06
CA VAL C 281 21.63 15.27 -2.09
C VAL C 281 21.72 14.05 -1.17
N GLU C 282 22.91 13.45 -1.08
CA GLU C 282 23.09 12.15 -0.43
C GLU C 282 23.03 12.27 1.11
N PRO C 283 22.09 11.62 1.75
CA PRO C 283 21.96 11.78 3.19
C PRO C 283 22.76 10.79 3.96
N GLN C 284 23.05 11.09 5.21
CA GLN C 284 23.99 10.28 5.98
C GLN C 284 23.44 9.93 7.32
N LEU C 285 23.64 8.68 7.74
CA LEU C 285 23.45 8.23 9.11
C LEU C 285 24.48 8.83 10.06
N ILE C 286 23.98 9.44 11.13
CA ILE C 286 24.81 10.11 12.12
C ILE C 286 24.35 9.65 13.49
N THR C 287 25.12 8.80 14.14
CA THR C 287 24.73 8.28 15.46
C THR C 287 25.31 9.13 16.61
N ARG C 288 24.60 9.12 17.75
CA ARG C 288 25.08 9.80 18.95
C ARG C 288 26.47 9.27 19.33
N GLN C 289 26.64 7.96 19.17
CA GLN C 289 27.89 7.25 19.42
C GLN C 289 29.05 7.78 18.61
N PHE C 290 28.81 7.96 17.31
CA PHE C 290 29.81 8.55 16.40
C PHE C 290 30.15 10.00 16.79
N LEU C 291 29.14 10.78 17.24
CA LEU C 291 29.42 12.18 17.63
C LEU C 291 30.34 12.22 18.86
N VAL C 292 30.01 11.39 19.84
CA VAL C 292 30.75 11.30 21.14
C VAL C 292 32.17 10.77 20.94
N ASP C 293 32.28 9.66 20.20
CA ASP C 293 33.62 9.04 19.98
C ASP C 293 34.64 9.98 19.33
N ASN C 294 34.13 10.95 18.58
CA ASN C 294 34.93 11.86 17.80
C ASN C 294 34.82 13.30 18.29
N ASN C 295 34.20 13.50 19.45
CA ASN C 295 34.17 14.82 20.11
C ASN C 295 33.58 15.91 19.22
N ILE C 296 32.56 15.54 18.48
CA ILE C 296 31.88 16.45 17.57
C ILE C 296 30.89 17.24 18.40
N THR C 297 30.97 18.58 18.27
CA THR C 297 30.08 19.53 18.94
C THR C 297 29.33 20.48 18.00
N ASN C 298 29.66 20.49 16.71
CA ASN C 298 29.02 21.39 15.76
C ASN C 298 29.13 20.90 14.30
N MET C 299 28.37 21.50 13.40
CA MET C 299 28.39 21.11 11.99
C MET C 299 29.78 21.22 11.34
N ASP C 300 30.60 22.16 11.78
CA ASP C 300 31.93 22.27 11.19
C ASP C 300 32.68 20.96 11.39
N GLU C 301 32.71 20.53 12.64
CA GLU C 301 33.34 19.29 13.06
C GLU C 301 32.72 18.04 12.51
N LEU C 302 31.44 18.08 12.20
CA LEU C 302 30.86 16.86 11.74
C LEU C 302 31.22 16.59 10.28
N VAL C 303 31.23 17.64 9.50
CA VAL C 303 31.51 17.58 8.06
C VAL C 303 32.96 17.13 7.87
N LYS C 304 33.82 17.68 8.70
CA LYS C 304 35.24 17.36 8.69
C LYS C 304 35.40 15.86 9.03
N ALA C 305 34.75 15.44 10.11
CA ALA C 305 34.80 14.05 10.57
C ALA C 305 34.08 13.10 9.60
N LEU C 306 33.13 13.62 8.82
CA LEU C 306 32.33 12.82 7.88
C LEU C 306 32.24 13.57 6.56
N PRO C 307 33.32 13.48 5.75
CA PRO C 307 33.37 14.32 4.53
C PRO C 307 32.23 14.10 3.51
N ALA C 308 31.60 12.92 3.49
CA ALA C 308 30.43 12.71 2.60
C ALA C 308 29.29 13.75 2.76
N LEU C 309 29.25 14.44 3.90
CA LEU C 309 28.38 15.61 4.10
C LEU C 309 28.87 16.86 3.34
N GLY C 310 30.16 16.88 2.94
CA GLY C 310 30.81 17.99 2.20
C GLY C 310 30.00 18.80 1.20
N ASN C 313 29.40 18.24 -4.95
CA ASN C 313 29.88 18.69 -6.24
C ASN C 313 28.86 18.64 -7.38
N LEU C 314 27.58 18.86 -7.08
CA LEU C 314 26.53 18.92 -8.10
C LEU C 314 26.39 20.30 -8.75
N VAL C 315 26.19 20.32 -10.07
CA VAL C 315 25.88 21.53 -10.83
C VAL C 315 26.95 22.61 -10.73
N TRP C 316 28.12 22.31 -11.28
CA TRP C 316 29.21 23.26 -11.33
C TRP C 316 29.72 23.39 -12.78
N PRO C 317 28.86 23.85 -13.71
CA PRO C 317 29.35 24.03 -15.08
C PRO C 317 30.60 24.90 -15.10
N GLU C 318 31.41 24.77 -16.15
CA GLU C 318 32.72 25.41 -16.13
C GLU C 318 32.60 26.91 -15.90
N TRP C 319 31.70 27.54 -16.64
CA TRP C 319 31.52 28.99 -16.56
C TRP C 319 31.10 29.48 -15.17
N LEU C 320 30.30 28.68 -14.47
CA LEU C 320 29.83 29.08 -13.17
C LEU C 320 30.90 29.02 -12.10
N LYS C 321 31.72 27.97 -12.10
CA LYS C 321 32.79 27.86 -11.09
C LYS C 321 33.87 28.88 -11.42
N ALA C 322 34.13 29.08 -12.71
CA ALA C 322 35.06 30.13 -13.15
C ALA C 322 34.58 31.50 -12.67
N LEU C 323 33.28 31.76 -12.79
CA LEU C 323 32.68 33.00 -12.31
C LEU C 323 32.87 33.23 -10.81
N THR C 324 32.65 32.20 -9.99
CA THR C 324 32.92 32.29 -8.54
C THR C 324 34.43 32.51 -8.24
N GLU C 325 35.32 32.16 -9.16
CA GLU C 325 36.75 32.48 -9.02
C GLU C 325 36.96 33.99 -9.10
N LYS C 326 36.38 34.62 -10.12
CA LYS C 326 36.53 36.06 -10.35
C LYS C 326 35.94 36.95 -9.23
N ASN C 327 34.90 36.48 -8.54
CA ASN C 327 34.29 37.21 -7.43
C ASN C 327 34.97 36.88 -6.12
N PRO D 7 -27.42 -18.95 -33.28
CA PRO D 7 -26.12 -19.31 -33.85
C PRO D 7 -26.16 -20.70 -34.42
N LYS D 8 -25.51 -20.89 -35.57
CA LYS D 8 -25.56 -22.17 -36.27
C LYS D 8 -24.67 -23.26 -35.65
N LYS D 9 -23.67 -22.89 -34.85
CA LYS D 9 -22.89 -23.91 -34.13
C LYS D 9 -23.79 -24.74 -33.18
N PHE D 10 -24.87 -24.13 -32.69
CA PHE D 10 -25.81 -24.78 -31.79
C PHE D 10 -27.01 -25.46 -32.49
N GLU D 11 -26.91 -25.77 -33.78
CA GLU D 11 -27.96 -26.60 -34.42
C GLU D 11 -27.87 -28.04 -33.95
N ASN D 12 -26.65 -28.55 -33.80
CA ASN D 12 -26.37 -29.81 -33.11
C ASN D 12 -25.47 -29.53 -31.92
N PRO D 13 -26.06 -29.04 -30.82
CA PRO D 13 -25.27 -28.51 -29.68
C PRO D 13 -24.21 -29.45 -29.09
N LYS D 14 -24.33 -30.76 -29.31
CA LYS D 14 -23.32 -31.73 -28.86
C LYS D 14 -21.96 -31.51 -29.53
N ASN D 15 -21.95 -31.03 -30.78
CA ASN D 15 -20.71 -30.68 -31.49
C ASN D 15 -19.96 -29.53 -30.85
N VAL D 16 -20.65 -28.71 -30.06
CA VAL D 16 -19.97 -27.65 -29.28
C VAL D 16 -19.19 -28.28 -28.12
N ARG D 17 -17.86 -28.08 -28.12
CA ARG D 17 -16.98 -28.63 -27.09
C ARG D 17 -16.31 -27.54 -26.28
N ILE D 18 -16.63 -27.51 -24.98
CA ILE D 18 -16.10 -26.53 -24.05
C ILE D 18 -15.17 -27.25 -23.06
N ALA D 19 -13.94 -26.78 -22.95
CA ALA D 19 -12.98 -27.36 -21.99
C ALA D 19 -12.92 -26.55 -20.71
N LEU D 20 -12.94 -27.24 -19.57
CA LEU D 20 -12.76 -26.60 -18.29
C LEU D 20 -11.40 -27.05 -17.71
N VAL D 21 -10.49 -26.10 -17.56
CA VAL D 21 -9.14 -26.38 -17.08
C VAL D 21 -8.97 -25.71 -15.76
N ARG D 22 -8.69 -26.48 -14.72
CA ARG D 22 -8.64 -25.97 -13.35
C ARG D 22 -7.32 -26.19 -12.73
N GLU D 23 -6.89 -25.23 -11.93
CA GLU D 23 -5.74 -25.41 -11.10
C GLU D 23 -6.05 -26.33 -9.89
N VAL D 24 -7.22 -26.14 -9.27
CA VAL D 24 -7.51 -26.69 -7.92
C VAL D 24 -8.87 -27.33 -7.95
N GLY D 25 -9.01 -28.52 -7.35
CA GLY D 25 -10.33 -29.17 -7.27
C GLY D 25 -10.78 -29.57 -5.87
N GLU D 26 -9.96 -29.37 -4.83
CA GLU D 26 -10.29 -29.87 -3.48
C GLU D 26 -11.42 -29.10 -2.78
N GLY D 27 -12.28 -29.84 -2.11
CA GLY D 27 -13.28 -29.26 -1.25
C GLY D 27 -14.62 -29.05 -1.93
N SER D 28 -15.64 -28.91 -1.09
CA SER D 28 -17.04 -28.79 -1.53
C SER D 28 -17.29 -27.54 -2.35
N PHE D 29 -16.61 -26.43 -2.07
CA PHE D 29 -16.80 -25.28 -2.96
C PHE D 29 -16.53 -25.65 -4.41
N PHE D 30 -15.38 -26.27 -4.68
CA PHE D 30 -15.00 -26.54 -6.03
C PHE D 30 -15.83 -27.66 -6.63
N GLU D 31 -16.23 -28.63 -5.80
CA GLU D 31 -16.97 -29.77 -6.28
C GLU D 31 -18.36 -29.31 -6.73
N ARG D 32 -18.96 -28.38 -5.99
CA ARG D 32 -20.26 -27.83 -6.35
C ARG D 32 -20.17 -26.99 -7.62
N TYR D 33 -19.14 -26.20 -7.76
CA TYR D 33 -18.93 -25.48 -9.03
C TYR D 33 -18.91 -26.45 -10.21
N LEU D 34 -18.11 -27.51 -10.08
CA LEU D 34 -18.04 -28.53 -11.12
C LEU D 34 -19.39 -29.15 -11.42
N ALA D 35 -20.15 -29.50 -10.38
CA ALA D 35 -21.50 -30.02 -10.58
C ALA D 35 -22.34 -29.02 -11.35
N GLY D 36 -22.29 -27.75 -10.96
CA GLY D 36 -23.00 -26.67 -11.66
C GLY D 36 -22.65 -26.57 -13.14
N ALA D 37 -21.36 -26.61 -13.44
CA ALA D 37 -20.94 -26.50 -14.82
C ALA D 37 -21.52 -27.65 -15.62
N GLN D 38 -21.40 -28.86 -15.07
CA GLN D 38 -21.90 -30.06 -15.71
C GLN D 38 -23.40 -29.94 -15.95
N SER D 39 -24.17 -29.47 -14.95
CA SER D 39 -25.62 -29.34 -15.14
C SER D 39 -25.96 -28.32 -16.23
N MET D 40 -25.19 -27.23 -16.31
CA MET D 40 -25.41 -26.21 -17.36
C MET D 40 -25.10 -26.77 -18.75
N ALA D 41 -23.98 -27.48 -18.84
CA ALA D 41 -23.59 -28.12 -20.07
C ALA D 41 -24.69 -29.09 -20.48
N ARG D 42 -25.12 -29.93 -19.55
CA ARG D 42 -26.16 -30.92 -19.87
C ARG D 42 -27.39 -30.20 -20.37
N GLU D 43 -27.77 -29.12 -19.68
CA GLU D 43 -28.94 -28.33 -20.08
C GLU D 43 -28.88 -27.80 -21.53
N LEU D 44 -27.71 -27.33 -21.94
CA LEU D 44 -27.49 -26.81 -23.30
C LEU D 44 -27.35 -27.92 -24.32
N GLY D 45 -26.96 -29.11 -23.86
CA GLY D 45 -26.69 -30.22 -24.75
C GLY D 45 -25.34 -30.10 -25.41
N VAL D 46 -24.41 -29.41 -24.76
CA VAL D 46 -23.04 -29.30 -25.24
C VAL D 46 -22.14 -30.28 -24.53
N THR D 47 -20.97 -30.50 -25.12
CA THR D 47 -19.96 -31.38 -24.53
C THR D 47 -18.97 -30.65 -23.66
N LEU D 48 -18.99 -30.96 -22.36
CA LEU D 48 -18.04 -30.41 -21.40
C LEU D 48 -16.86 -31.34 -21.11
N LEU D 49 -15.63 -30.87 -21.41
CA LEU D 49 -14.39 -31.60 -21.10
C LEU D 49 -13.70 -30.96 -19.90
N GLU D 50 -13.23 -31.76 -18.98
CA GLU D 50 -12.71 -31.28 -17.71
C GLU D 50 -11.28 -31.78 -17.59
N ALA D 51 -10.41 -30.96 -17.04
CA ALA D 51 -9.06 -31.38 -16.70
C ALA D 51 -8.62 -30.54 -15.52
N THR D 52 -7.87 -31.13 -14.59
CA THR D 52 -7.49 -30.46 -13.38
C THR D 52 -6.05 -30.76 -13.08
N ALA D 53 -5.32 -29.74 -12.68
CA ALA D 53 -3.89 -29.80 -12.58
C ALA D 53 -3.38 -29.94 -11.15
N HIS D 54 -4.24 -29.75 -10.15
CA HIS D 54 -3.87 -29.90 -8.73
C HIS D 54 -2.58 -29.19 -8.38
N GLY D 55 -2.54 -27.89 -8.64
CA GLY D 55 -1.47 -27.04 -8.19
C GLY D 55 -0.23 -27.01 -9.08
N ASP D 56 -0.17 -27.88 -10.08
CA ASP D 56 1.08 -28.00 -10.89
C ASP D 56 0.94 -27.11 -12.14
N MET D 57 1.57 -25.94 -12.12
CA MET D 57 1.42 -25.03 -13.26
C MET D 57 1.91 -25.64 -14.56
N ALA D 58 3.04 -26.37 -14.54
CA ALA D 58 3.54 -27.07 -15.76
C ALA D 58 2.49 -28.00 -16.40
N ARG D 59 1.82 -28.82 -15.58
CA ARG D 59 0.70 -29.64 -16.07
C ARG D 59 -0.48 -28.82 -16.57
N MET D 60 -0.78 -27.74 -15.86
CA MET D 60 -1.85 -26.85 -16.32
C MET D 60 -1.59 -26.33 -17.74
N VAL D 61 -0.37 -25.88 -18.01
CA VAL D 61 0.01 -25.42 -19.35
C VAL D 61 -0.21 -26.49 -20.43
N THR D 62 0.26 -27.71 -20.16
CA THR D 62 0.11 -28.78 -21.12
C THR D 62 -1.35 -29.22 -21.25
N MET D 63 -2.15 -29.00 -20.23
CA MET D 63 -3.58 -29.34 -20.31
C MET D 63 -4.31 -28.38 -21.27
N ILE D 64 -4.00 -27.08 -21.21
CA ILE D 64 -4.55 -26.10 -22.16
C ILE D 64 -4.08 -26.40 -23.60
N GLU D 65 -2.81 -26.79 -23.77
CA GLU D 65 -2.28 -27.26 -25.07
C GLU D 65 -3.12 -28.39 -25.70
N ASN D 66 -3.56 -29.36 -24.90
CA ASN D 66 -4.27 -30.51 -25.47
C ASN D 66 -5.56 -30.00 -26.05
N PHE D 67 -6.25 -29.13 -25.30
CA PHE D 67 -7.51 -28.61 -25.80
C PHE D 67 -7.32 -27.68 -27.00
N ILE D 68 -6.20 -26.96 -27.05
CA ILE D 68 -5.87 -26.17 -28.26
C ILE D 68 -5.71 -27.13 -29.45
N THR D 69 -4.87 -28.14 -29.28
CA THR D 69 -4.67 -29.14 -30.31
C THR D 69 -5.99 -29.77 -30.72
N GLN D 70 -6.80 -30.15 -29.74
CA GLN D 70 -8.12 -30.71 -30.02
C GLN D 70 -9.12 -29.73 -30.67
N ARG D 71 -8.74 -28.44 -30.75
CA ARG D 71 -9.55 -27.40 -31.36
C ARG D 71 -10.96 -27.41 -30.77
N VAL D 72 -11.05 -27.43 -29.46
CA VAL D 72 -12.30 -27.14 -28.76
C VAL D 72 -12.78 -25.75 -29.17
N ASP D 73 -14.08 -25.54 -29.02
CA ASP D 73 -14.69 -24.27 -29.35
C ASP D 73 -14.30 -23.19 -28.33
N ALA D 74 -14.28 -23.55 -27.05
CA ALA D 74 -13.93 -22.61 -26.00
C ALA D 74 -13.20 -23.28 -24.86
N ILE D 75 -12.31 -22.53 -24.21
CA ILE D 75 -11.69 -22.97 -22.95
C ILE D 75 -12.16 -22.06 -21.77
N ILE D 76 -12.55 -22.65 -20.65
CA ILE D 76 -12.72 -21.91 -19.40
C ILE D 76 -11.47 -22.17 -18.53
N ILE D 77 -10.74 -21.12 -18.21
CA ILE D 77 -9.55 -21.21 -17.35
C ILE D 77 -9.90 -20.79 -15.93
N ASP D 78 -9.75 -21.76 -15.02
CA ASP D 78 -10.19 -21.67 -13.64
C ASP D 78 -8.95 -21.57 -12.72
N HIS D 79 -8.73 -20.38 -12.17
CA HIS D 79 -7.62 -20.14 -11.32
C HIS D 79 -6.39 -20.22 -12.22
N GLY D 80 -5.23 -20.50 -11.64
CA GLY D 80 -3.98 -20.43 -12.38
C GLY D 80 -3.21 -19.16 -12.04
N ARG D 81 -1.97 -19.03 -12.54
CA ARG D 81 -1.17 -17.80 -12.41
C ARG D 81 -1.02 -17.19 -13.81
N PRO D 82 -1.01 -15.85 -13.92
CA PRO D 82 -1.06 -15.33 -15.30
C PRO D 82 0.21 -15.51 -16.08
N ASP D 83 1.38 -15.42 -15.43
CA ASP D 83 2.59 -15.49 -16.20
C ASP D 83 2.74 -16.80 -16.95
N PRO D 84 2.57 -17.96 -16.28
CA PRO D 84 2.69 -19.21 -17.07
C PRO D 84 1.58 -19.36 -18.17
N LEU D 85 0.34 -19.03 -17.83
CA LEU D 85 -0.76 -19.20 -18.80
C LEU D 85 -0.89 -18.16 -19.94
N MET D 86 -0.33 -16.97 -19.78
CA MET D 86 -0.67 -15.86 -20.68
C MET D 86 -0.36 -16.16 -22.16
N PRO D 87 0.88 -16.62 -22.48
CA PRO D 87 1.09 -16.91 -23.90
C PRO D 87 0.17 -17.99 -24.47
N LYS D 88 -0.24 -18.94 -23.65
CA LYS D 88 -1.12 -20.02 -24.14
C LYS D 88 -2.59 -19.56 -24.35
N ILE D 89 -3.02 -18.60 -23.55
CA ILE D 89 -4.31 -17.97 -23.75
C ILE D 89 -4.31 -17.18 -25.04
N LYS D 90 -3.22 -16.44 -25.32
CA LYS D 90 -3.13 -15.66 -26.57
C LYS D 90 -3.16 -16.55 -27.78
N GLU D 91 -2.40 -17.64 -27.72
CA GLU D 91 -2.37 -18.63 -28.78
C GLU D 91 -3.77 -19.16 -29.05
N ALA D 92 -4.46 -19.58 -28.00
CA ALA D 92 -5.81 -20.09 -28.13
C ALA D 92 -6.73 -19.07 -28.82
N LEU D 93 -6.65 -17.81 -28.37
CA LEU D 93 -7.44 -16.70 -28.96
C LEU D 93 -7.13 -16.51 -30.44
N ASP D 94 -5.84 -16.51 -30.79
CA ASP D 94 -5.40 -16.38 -32.19
C ASP D 94 -5.91 -17.53 -33.09
N ARG D 95 -6.17 -18.70 -32.53
CA ARG D 95 -6.64 -19.85 -33.33
C ARG D 95 -8.16 -19.87 -33.46
N GLY D 96 -8.87 -18.95 -32.81
CA GLY D 96 -10.33 -18.87 -32.94
C GLY D 96 -11.08 -19.52 -31.79
N ILE D 97 -10.34 -19.90 -30.77
CA ILE D 97 -10.89 -20.52 -29.59
C ILE D 97 -11.34 -19.38 -28.69
N ARG D 98 -12.53 -19.49 -28.14
CA ARG D 98 -13.01 -18.44 -27.24
C ARG D 98 -12.51 -18.76 -25.83
N VAL D 99 -12.17 -17.74 -25.06
CA VAL D 99 -11.71 -17.98 -23.69
C VAL D 99 -12.45 -17.14 -22.68
N VAL D 100 -12.79 -17.74 -21.56
CA VAL D 100 -13.38 -17.01 -20.45
C VAL D 100 -12.62 -17.47 -19.25
N THR D 101 -12.43 -16.62 -18.26
CA THR D 101 -11.83 -17.09 -17.04
C THR D 101 -12.74 -17.00 -15.82
N PHE D 102 -12.36 -17.79 -14.80
CA PHE D 102 -12.84 -17.66 -13.45
C PHE D 102 -11.60 -17.52 -12.59
N ASP D 103 -11.49 -16.44 -11.81
CA ASP D 103 -10.37 -16.29 -10.86
C ASP D 103 -9.04 -16.31 -11.54
N LEU D 104 -9.00 -15.65 -12.72
CA LEU D 104 -7.74 -15.30 -13.39
C LEU D 104 -7.90 -13.96 -14.13
N VAL D 105 -7.04 -13.01 -13.77
CA VAL D 105 -6.93 -11.69 -14.39
C VAL D 105 -6.12 -11.76 -15.70
N VAL D 106 -6.70 -11.33 -16.80
CA VAL D 106 -6.01 -11.35 -18.09
C VAL D 106 -6.17 -10.02 -18.84
N ASP D 107 -5.04 -9.48 -19.25
CA ASP D 107 -4.94 -8.23 -19.94
C ASP D 107 -5.32 -8.43 -21.41
N ASP D 108 -6.60 -8.73 -21.68
CA ASP D 108 -7.07 -8.91 -23.06
C ASP D 108 -8.55 -8.71 -23.13
N ASN D 109 -8.98 -7.76 -23.95
CA ASN D 109 -10.38 -7.41 -24.01
C ASN D 109 -11.27 -8.52 -24.58
N ARG D 110 -10.66 -9.57 -25.14
CA ARG D 110 -11.43 -10.68 -25.68
C ARG D 110 -11.90 -11.68 -24.65
N VAL D 111 -11.35 -11.59 -23.46
CA VAL D 111 -11.53 -12.57 -22.40
C VAL D 111 -12.31 -12.00 -21.23
N PRO D 112 -13.60 -12.31 -21.16
CA PRO D 112 -14.36 -12.01 -19.96
C PRO D 112 -13.82 -12.70 -18.74
N GLU D 113 -13.83 -11.96 -17.64
CA GLU D 113 -13.34 -12.46 -16.38
C GLU D 113 -14.54 -12.57 -15.43
N ILE D 114 -14.84 -13.80 -15.00
CA ILE D 114 -15.82 -14.11 -13.92
C ILE D 114 -15.13 -14.07 -12.57
N GLU D 115 -15.75 -13.44 -11.59
CA GLU D 115 -15.30 -13.55 -10.22
C GLU D 115 -16.45 -13.25 -9.30
N GLN D 116 -16.23 -13.51 -8.02
CA GLN D 116 -17.21 -13.29 -7.00
C GLN D 116 -17.23 -11.92 -6.33
N ASP D 117 -16.85 -10.90 -7.08
CA ASP D 117 -16.51 -9.61 -6.55
C ASP D 117 -15.56 -9.78 -5.34
N ASP D 118 -14.34 -10.25 -5.58
CA ASP D 118 -13.46 -10.56 -4.43
C ASP D 118 -13.00 -9.41 -3.56
N LEU D 119 -12.97 -8.22 -4.14
CA LEU D 119 -12.62 -7.03 -3.38
C LEU D 119 -13.76 -6.74 -2.39
N LEU D 120 -14.99 -6.85 -2.85
CA LEU D 120 -16.10 -6.67 -1.95
C LEU D 120 -16.13 -7.75 -0.85
N ILE D 121 -15.86 -9.01 -1.22
CA ILE D 121 -15.79 -10.13 -0.29
C ILE D 121 -14.79 -9.81 0.81
N GLY D 122 -13.57 -9.48 0.40
CA GLY D 122 -12.56 -9.23 1.38
C GLY D 122 -12.96 -8.10 2.32
N TYR D 123 -13.60 -7.06 1.78
CA TYR D 123 -14.02 -5.92 2.58
C TYR D 123 -15.16 -6.33 3.53
N LEU D 124 -16.16 -6.99 2.99
CA LEU D 124 -17.31 -7.36 3.83
C LEU D 124 -16.91 -8.23 5.05
N ILE D 125 -16.04 -9.23 4.86
CA ILE D 125 -15.77 -10.15 5.95
C ILE D 125 -14.77 -9.54 6.89
N SER D 126 -13.77 -8.82 6.36
CA SER D 126 -12.81 -8.14 7.23
C SER D 126 -13.51 -7.06 8.10
N LYS D 127 -14.45 -6.30 7.51
CA LYS D 127 -15.24 -5.28 8.25
C LYS D 127 -16.10 -5.93 9.31
N GLN D 128 -16.73 -7.06 8.95
CA GLN D 128 -17.62 -7.81 9.89
C GLN D 128 -16.83 -8.16 11.14
N LEU D 129 -15.61 -8.65 10.96
CA LEU D 129 -14.78 -8.98 12.11
C LEU D 129 -14.51 -7.72 12.95
N ALA D 130 -14.04 -6.66 12.29
CA ALA D 130 -13.66 -5.39 12.95
C ALA D 130 -14.73 -4.79 13.82
N VAL D 131 -15.91 -4.63 13.24
CA VAL D 131 -17.12 -4.18 13.92
C VAL D 131 -17.60 -5.08 15.07
N ASP D 132 -17.60 -6.39 14.87
CA ASP D 132 -17.95 -7.30 15.93
C ASP D 132 -17.10 -7.16 17.14
N PHE D 133 -15.81 -6.88 16.92
CA PHE D 133 -14.83 -6.64 17.99
C PHE D 133 -14.65 -5.17 18.33
N ALA D 134 -15.53 -4.28 17.81
CA ALA D 134 -15.46 -2.83 18.07
C ALA D 134 -14.02 -2.35 17.86
N GLY D 135 -13.39 -2.80 16.78
CA GLY D 135 -12.04 -2.34 16.40
C GLY D 135 -10.84 -2.86 17.18
N ASN D 136 -11.06 -3.81 18.11
CA ASN D 136 -9.97 -4.38 18.93
C ASN D 136 -9.95 -5.92 18.96
N ALA D 137 -8.95 -6.53 18.31
CA ALA D 137 -8.87 -7.97 18.20
C ALA D 137 -7.45 -8.40 17.79
N ASN D 138 -7.11 -9.63 18.19
CA ASN D 138 -5.85 -10.32 17.83
C ASN D 138 -6.15 -11.49 16.89
N VAL D 139 -5.82 -11.26 15.62
CA VAL D 139 -6.32 -12.06 14.56
C VAL D 139 -5.24 -12.98 14.06
N ILE D 140 -5.57 -14.27 14.02
CA ILE D 140 -4.83 -15.30 13.24
C ILE D 140 -5.41 -15.27 11.86
N TYR D 141 -4.59 -14.91 10.89
CA TYR D 141 -5.06 -14.71 9.51
C TYR D 141 -4.76 -15.96 8.71
N VAL D 142 -5.76 -16.53 8.03
CA VAL D 142 -5.55 -17.78 7.26
C VAL D 142 -5.75 -17.51 5.77
N ASN D 143 -4.63 -17.39 5.07
CA ASN D 143 -4.60 -17.04 3.66
C ASN D 143 -3.24 -17.31 3.15
N VAL D 144 -3.14 -17.39 1.82
CA VAL D 144 -1.85 -17.59 1.10
C VAL D 144 -1.79 -16.81 -0.23
N GLY D 145 -0.61 -16.36 -0.61
CA GLY D 145 -0.44 -15.63 -1.84
C GLY D 145 -0.53 -16.53 -3.06
N GLY D 146 -0.82 -15.94 -4.22
CA GLY D 146 -0.68 -16.64 -5.49
C GLY D 146 -2.01 -16.71 -6.22
N PHE D 147 -3.04 -16.88 -5.46
CA PHE D 147 -4.34 -17.15 -6.05
C PHE D 147 -5.08 -15.84 -6.17
N ALA D 148 -5.60 -15.57 -7.36
CA ALA D 148 -6.25 -14.31 -7.68
C ALA D 148 -7.30 -13.90 -6.64
N PRO D 149 -8.24 -14.77 -6.30
CA PRO D 149 -9.24 -14.37 -5.32
C PRO D 149 -8.61 -14.13 -3.93
N LEU D 150 -7.65 -14.97 -3.58
CA LEU D 150 -7.03 -14.79 -2.28
C LEU D 150 -6.30 -13.49 -2.18
N ASP D 151 -5.54 -13.13 -3.23
CA ASP D 151 -4.75 -11.86 -3.30
C ASP D 151 -5.64 -10.59 -3.28
N LYS D 152 -6.77 -10.65 -3.98
CA LYS D 152 -7.83 -9.63 -3.95
C LYS D 152 -8.39 -9.44 -2.53
N ARG D 153 -8.76 -10.53 -1.90
CA ARG D 153 -9.28 -10.50 -0.52
C ARG D 153 -8.18 -9.96 0.37
N ASP D 154 -6.95 -10.38 0.13
CA ASP D 154 -5.87 -9.95 1.03
C ASP D 154 -5.70 -8.42 1.09
N LYS D 155 -5.75 -7.74 -0.08
CA LYS D 155 -5.68 -6.28 -0.12
C LYS D 155 -6.67 -5.60 0.83
N MET D 156 -7.90 -6.11 0.85
CA MET D 156 -8.92 -5.53 1.65
C MET D 156 -8.67 -5.75 3.13
N TRP D 157 -8.20 -6.92 3.53
CA TRP D 157 -7.68 -7.13 4.89
C TRP D 157 -6.64 -6.08 5.32
N GLN D 158 -5.71 -5.77 4.45
CA GLN D 158 -4.72 -4.76 4.77
C GLN D 158 -5.42 -3.39 5.00
N ILE D 159 -6.46 -3.04 4.22
CA ILE D 159 -7.01 -1.70 4.43
C ILE D 159 -7.81 -1.70 5.74
N ILE D 160 -8.43 -2.82 6.11
CA ILE D 160 -9.17 -2.90 7.38
C ILE D 160 -8.18 -2.74 8.52
N LYS D 161 -6.99 -3.29 8.36
CA LYS D 161 -6.00 -3.04 9.43
C LYS D 161 -5.57 -1.56 9.56
N TRP D 162 -5.41 -0.88 8.41
CA TRP D 162 -5.23 0.56 8.35
C TRP D 162 -6.37 1.36 9.03
N ARG D 163 -7.64 1.06 8.67
CA ARG D 163 -8.79 1.83 9.16
C ARG D 163 -9.04 1.62 10.64
N PHE D 164 -8.84 0.37 11.08
CA PHE D 164 -9.02 -0.08 12.46
C PHE D 164 -7.68 -0.57 13.07
N PRO D 165 -6.88 0.33 13.60
CA PRO D 165 -5.56 -0.15 14.00
C PRO D 165 -5.51 -0.96 15.28
N GLY D 166 -6.65 -1.18 15.94
CA GLY D 166 -6.72 -2.13 17.05
C GLY D 166 -6.96 -3.57 16.60
N ILE D 167 -7.12 -3.79 15.29
CA ILE D 167 -7.38 -5.10 14.74
C ILE D 167 -6.00 -5.53 14.23
N LYS D 168 -5.36 -6.42 14.98
CA LYS D 168 -3.93 -6.73 14.80
C LYS D 168 -3.78 -8.14 14.22
N GLU D 169 -2.95 -8.28 13.18
CA GLU D 169 -2.61 -9.60 12.71
C GLU D 169 -1.51 -10.12 13.67
N VAL D 170 -1.78 -11.20 14.39
CA VAL D 170 -0.81 -11.81 15.29
C VAL D 170 -0.14 -13.01 14.64
N ALA D 171 -0.78 -13.61 13.63
CA ALA D 171 -0.19 -14.69 12.82
C ALA D 171 -0.83 -14.78 11.46
N LYS D 172 -0.05 -15.18 10.46
CA LYS D 172 -0.58 -15.60 9.15
C LYS D 172 -0.14 -17.05 8.88
N ILE D 173 -1.10 -17.90 8.58
CA ILE D 173 -0.85 -19.31 8.38
C ILE D 173 -1.68 -19.74 7.19
N GLY D 174 -1.33 -20.90 6.62
CA GLY D 174 -2.10 -21.50 5.55
C GLY D 174 -1.27 -21.83 4.33
N ALA D 175 -1.62 -22.96 3.71
CA ALA D 175 -1.06 -23.41 2.48
C ALA D 175 -2.14 -24.21 1.76
N VAL D 176 -2.15 -24.12 0.44
CA VAL D 176 -3.04 -24.92 -0.38
C VAL D 176 -2.33 -26.22 -0.75
N THR D 177 -2.74 -27.35 -0.19
CA THR D 177 -1.94 -28.60 -0.23
C THR D 177 -2.57 -29.79 -0.96
N GLY D 178 -3.87 -29.75 -1.22
CA GLY D 178 -4.58 -30.98 -1.57
C GLY D 178 -5.29 -31.65 -0.39
N SER D 179 -4.88 -31.31 0.82
CA SER D 179 -5.56 -31.72 2.05
C SER D 179 -5.59 -30.50 2.98
N THR D 180 -6.02 -29.39 2.39
CA THR D 180 -5.84 -28.06 3.00
C THR D 180 -6.61 -27.97 4.30
N ALA D 181 -7.87 -28.42 4.34
CA ALA D 181 -8.59 -28.43 5.63
C ALA D 181 -7.81 -29.14 6.76
N ALA D 182 -7.30 -30.35 6.48
CA ALA D 182 -6.60 -31.16 7.47
C ALA D 182 -5.21 -30.56 7.84
N ASP D 183 -4.55 -30.00 6.85
CA ASP D 183 -3.28 -29.37 7.08
C ASP D 183 -3.45 -28.04 7.86
N THR D 184 -4.53 -27.31 7.61
CA THR D 184 -4.82 -26.05 8.31
C THR D 184 -5.17 -26.39 9.79
N GLN D 185 -5.85 -27.52 10.04
CA GLN D 185 -6.15 -27.90 11.41
C GLN D 185 -4.85 -28.05 12.21
N THR D 186 -3.90 -28.76 11.63
CA THR D 186 -2.63 -28.97 12.30
C THR D 186 -1.93 -27.65 12.58
N ARG D 187 -1.86 -26.79 11.57
CA ARG D 187 -1.24 -25.45 11.73
C ARG D 187 -1.91 -24.67 12.82
N MET D 188 -3.23 -24.67 12.85
CA MET D 188 -3.97 -23.93 13.83
C MET D 188 -3.72 -24.44 15.27
N GLU D 189 -3.59 -25.77 15.46
CA GLU D 189 -3.22 -26.37 16.73
C GLU D 189 -1.94 -25.72 17.28
N ALA D 190 -0.91 -25.61 16.44
CA ALA D 190 0.37 -25.00 16.84
C ALA D 190 0.26 -23.46 16.98
N ALA D 191 -0.56 -22.84 16.14
CA ALA D 191 -0.74 -21.39 16.15
C ALA D 191 -1.42 -20.88 17.45
N MET D 192 -2.35 -21.66 18.00
CA MET D 192 -3.01 -21.29 19.25
C MET D 192 -2.03 -21.30 20.42
N LYS D 193 -1.07 -22.22 20.38
CA LYS D 193 0.01 -22.23 21.39
C LYS D 193 1.10 -21.18 21.18
N GLU D 194 1.45 -20.86 19.93
CA GLU D 194 2.39 -19.79 19.64
C GLU D 194 1.82 -18.41 20.06
N LYS D 195 0.52 -18.21 19.86
CA LYS D 195 -0.13 -16.89 20.06
C LYS D 195 -1.38 -17.02 20.94
N PRO D 196 -1.17 -17.21 22.25
CA PRO D 196 -2.28 -17.47 23.14
C PRO D 196 -3.23 -16.27 23.31
N GLU D 197 -2.77 -15.06 22.99
CA GLU D 197 -3.64 -13.88 23.04
C GLU D 197 -4.59 -13.80 21.83
N ALA D 198 -4.45 -14.67 20.84
CA ALA D 198 -5.29 -14.60 19.63
C ALA D 198 -6.71 -14.88 20.02
N ASN D 199 -7.66 -14.14 19.45
CA ASN D 199 -9.09 -14.34 19.79
C ASN D 199 -10.07 -14.28 18.61
N ALA D 200 -9.51 -14.18 17.41
CA ALA D 200 -10.30 -14.23 16.20
C ALA D 200 -9.53 -14.90 15.08
N VAL D 201 -10.28 -15.48 14.16
CA VAL D 201 -9.76 -16.11 12.96
C VAL D 201 -10.48 -15.55 11.74
N LEU D 202 -9.69 -15.15 10.76
CA LEU D 202 -10.15 -14.69 9.49
C LEU D 202 -9.56 -15.60 8.39
N ALA D 203 -10.42 -16.37 7.75
CA ALA D 203 -10.01 -17.46 6.86
C ALA D 203 -10.58 -17.21 5.49
N MET D 204 -9.71 -16.99 4.53
CA MET D 204 -10.13 -16.48 3.23
C MET D 204 -10.59 -17.55 2.21
N TRP D 205 -10.73 -18.79 2.66
CA TRP D 205 -11.33 -19.90 1.87
C TRP D 205 -11.97 -20.83 2.88
N ASP D 206 -13.17 -21.38 2.58
CA ASP D 206 -13.83 -22.23 3.56
C ASP D 206 -13.02 -23.46 3.97
N GLU D 207 -12.13 -23.97 3.12
CA GLU D 207 -11.30 -25.13 3.50
C GLU D 207 -10.30 -24.73 4.59
N PHE D 208 -9.81 -23.50 4.57
CA PHE D 208 -9.00 -23.01 5.68
C PHE D 208 -9.83 -22.92 6.95
N ALA D 209 -11.03 -22.37 6.82
CA ALA D 209 -11.93 -22.15 7.98
C ALA D 209 -12.34 -23.45 8.68
N LYS D 210 -12.69 -24.45 7.89
CA LYS D 210 -13.02 -25.77 8.43
C LYS D 210 -11.87 -26.32 9.27
N GLY D 211 -10.68 -26.26 8.75
CA GLY D 211 -9.53 -26.68 9.55
C GLY D 211 -9.43 -25.94 10.86
N ALA D 212 -9.48 -24.62 10.78
CA ALA D 212 -9.29 -23.75 11.94
C ALA D 212 -10.31 -24.04 13.05
N VAL D 213 -11.57 -24.17 12.64
CA VAL D 213 -12.67 -24.43 13.53
C VAL D 213 -12.56 -25.77 14.21
N ARG D 214 -12.21 -26.82 13.46
CA ARG D 214 -12.03 -28.13 14.01
C ARG D 214 -10.91 -28.09 15.04
N ALA D 215 -9.85 -27.34 14.76
CA ALA D 215 -8.75 -27.23 15.71
C ALA D 215 -9.24 -26.57 17.00
N ILE D 216 -10.06 -25.52 16.84
CA ILE D 216 -10.63 -24.80 17.99
C ILE D 216 -11.48 -25.71 18.86
N MET D 217 -12.40 -26.43 18.23
CA MET D 217 -13.36 -27.26 18.96
C MET D 217 -12.63 -28.43 19.64
N GLN D 218 -11.69 -29.07 18.98
CA GLN D 218 -10.98 -30.17 19.60
C GLN D 218 -10.20 -29.69 20.83
N ALA D 219 -9.66 -28.48 20.77
CA ALA D 219 -8.92 -27.96 21.93
C ALA D 219 -9.86 -27.50 23.06
N GLY D 220 -11.16 -27.45 22.78
CA GLY D 220 -12.17 -27.06 23.76
C GLY D 220 -12.24 -25.54 23.91
N LYS D 221 -11.68 -24.81 22.94
CA LYS D 221 -11.57 -23.34 23.02
C LYS D 221 -12.63 -22.57 22.22
N SER D 222 -13.76 -23.22 21.93
CA SER D 222 -14.82 -22.55 21.17
C SER D 222 -15.19 -21.17 21.72
N ASP D 223 -15.14 -21.04 23.04
CA ASP D 223 -15.45 -19.80 23.74
C ASP D 223 -14.50 -18.67 23.45
N GLN D 224 -13.23 -19.00 23.30
CA GLN D 224 -12.19 -18.02 23.18
C GLN D 224 -12.04 -17.42 21.78
N PHE D 225 -12.79 -17.91 20.79
CA PHE D 225 -12.56 -17.53 19.39
C PHE D 225 -13.84 -17.22 18.62
N LYS D 226 -13.71 -16.30 17.66
CA LYS D 226 -14.75 -16.10 16.67
C LYS D 226 -14.08 -16.18 15.31
N VAL D 227 -14.67 -16.96 14.42
CA VAL D 227 -14.07 -17.28 13.15
C VAL D 227 -14.93 -16.68 12.06
N TYR D 228 -14.28 -15.98 11.15
CA TYR D 228 -14.85 -15.27 10.04
C TYR D 228 -14.30 -15.90 8.79
N SER D 229 -15.12 -16.25 7.81
CA SER D 229 -14.60 -16.94 6.62
C SER D 229 -15.17 -16.43 5.32
N VAL D 230 -14.65 -16.96 4.22
CA VAL D 230 -15.29 -16.85 2.92
C VAL D 230 -15.89 -18.17 2.40
N ASP D 231 -16.90 -18.07 1.52
CA ASP D 231 -17.60 -19.22 0.93
C ASP D 231 -18.67 -19.83 1.85
N VAL D 232 -19.60 -20.53 1.21
CA VAL D 232 -20.71 -21.16 1.94
C VAL D 232 -21.04 -22.40 1.11
N THR D 233 -21.18 -23.51 1.81
CA THR D 233 -21.71 -24.76 1.27
C THR D 233 -22.52 -25.38 2.40
N THR D 234 -23.25 -26.46 2.10
CA THR D 234 -23.94 -27.25 3.08
C THR D 234 -23.03 -27.75 4.19
N GLU D 235 -21.86 -28.26 3.82
CA GLU D 235 -20.89 -28.65 4.84
C GLU D 235 -20.53 -27.46 5.76
N ASP D 236 -20.39 -26.25 5.20
CA ASP D 236 -20.10 -25.04 6.01
C ASP D 236 -21.21 -24.67 6.96
N ILE D 237 -22.44 -24.72 6.45
CA ILE D 237 -23.67 -24.43 7.22
C ILE D 237 -23.86 -25.35 8.42
N GLN D 238 -23.75 -26.66 8.17
CA GLN D 238 -23.75 -27.69 9.23
C GLN D 238 -22.71 -27.44 10.30
N MET D 239 -21.50 -27.05 9.89
CA MET D 239 -20.51 -26.73 10.87
C MET D 239 -20.82 -25.41 11.58
N MET D 240 -21.42 -24.43 10.88
CA MET D 240 -21.71 -23.11 11.52
C MET D 240 -22.79 -23.27 12.60
N ILE D 241 -23.73 -24.14 12.31
CA ILE D 241 -24.92 -24.24 13.18
C ILE D 241 -24.78 -25.19 14.37
N GLN D 242 -23.68 -25.92 14.42
CA GLN D 242 -23.33 -26.72 15.61
C GLN D 242 -23.41 -25.89 16.88
N GLN D 243 -23.76 -26.56 17.99
CA GLN D 243 -23.78 -25.92 19.31
C GLN D 243 -22.38 -25.41 19.70
N ASN D 244 -22.36 -24.18 20.18
CA ASN D 244 -21.13 -23.49 20.56
C ASN D 244 -20.09 -23.34 19.46
N SER D 245 -20.48 -23.56 18.19
CA SER D 245 -19.55 -23.25 17.10
C SER D 245 -18.95 -21.84 17.25
N PRO D 246 -17.63 -21.75 17.13
CA PRO D 246 -17.00 -20.43 17.05
C PRO D 246 -17.13 -19.78 15.65
N TRP D 247 -17.82 -20.43 14.71
CA TRP D 247 -17.88 -19.99 13.31
C TRP D 247 -19.03 -19.00 13.17
N VAL D 248 -18.67 -17.72 13.16
CA VAL D 248 -19.59 -16.59 13.36
C VAL D 248 -20.23 -16.05 12.08
N ALA D 249 -19.48 -16.07 10.98
CA ALA D 249 -19.94 -15.49 9.73
C ALA D 249 -19.07 -15.95 8.61
N THR D 250 -19.70 -16.00 7.44
CA THR D 250 -19.07 -16.18 6.16
C THR D 250 -19.72 -15.23 5.13
N VAL D 251 -18.93 -14.93 4.12
CA VAL D 251 -19.33 -14.20 2.94
C VAL D 251 -19.08 -15.05 1.70
N GLY D 252 -20.14 -15.23 0.91
CA GLY D 252 -19.95 -15.92 -0.37
C GLY D 252 -21.12 -15.96 -1.31
N THR D 253 -21.00 -16.88 -2.28
CA THR D 253 -21.96 -17.09 -3.39
C THR D 253 -22.36 -18.58 -3.47
N ASP D 254 -23.36 -18.88 -4.31
CA ASP D 254 -23.72 -20.25 -4.66
C ASP D 254 -22.70 -20.70 -5.73
N SER D 255 -21.64 -21.46 -5.37
CA SER D 255 -20.65 -21.88 -6.36
C SER D 255 -21.26 -22.73 -7.46
N TYR D 256 -22.32 -23.44 -7.15
CA TYR D 256 -23.10 -24.16 -8.20
C TYR D 256 -23.46 -23.23 -9.36
N ALA D 257 -23.96 -22.05 -9.03
CA ALA D 257 -24.41 -21.06 -10.01
C ALA D 257 -23.24 -20.38 -10.71
N VAL D 258 -22.17 -20.18 -9.98
CA VAL D 258 -20.92 -19.68 -10.56
C VAL D 258 -20.50 -20.64 -11.66
N GLY D 259 -20.49 -21.94 -11.36
CA GLY D 259 -20.09 -22.97 -12.34
C GLY D 259 -21.00 -23.04 -13.56
N ARG D 260 -22.31 -22.94 -13.34
CA ARG D 260 -23.23 -22.81 -14.46
C ARG D 260 -22.92 -21.56 -15.28
N LEU D 261 -22.77 -20.42 -14.64
CA LEU D 261 -22.46 -19.18 -15.37
C LEU D 261 -21.18 -19.32 -16.25
N ALA D 262 -20.20 -20.02 -15.73
CA ALA D 262 -18.95 -20.15 -16.49
C ALA D 262 -19.20 -20.90 -17.80
N VAL D 263 -19.99 -21.96 -17.73
CA VAL D 263 -20.37 -22.69 -18.92
C VAL D 263 -21.29 -21.86 -19.84
N ARG D 264 -22.24 -21.11 -19.26
CA ARG D 264 -23.09 -20.17 -20.03
C ARG D 264 -22.31 -19.14 -20.80
N ALA D 265 -21.34 -18.54 -20.13
CA ALA D 265 -20.47 -17.55 -20.74
C ALA D 265 -19.68 -18.11 -21.91
N ALA D 266 -18.93 -19.19 -21.68
CA ALA D 266 -18.30 -19.96 -22.74
C ALA D 266 -19.30 -20.23 -23.89
N ALA D 267 -20.43 -20.79 -23.56
CA ALA D 267 -21.38 -21.16 -24.63
C ALA D 267 -21.80 -19.91 -25.41
N ALA D 268 -21.95 -18.79 -24.71
CA ALA D 268 -22.37 -17.53 -25.35
C ALA D 268 -21.33 -16.99 -26.33
N LEU D 269 -20.05 -17.10 -25.98
CA LEU D 269 -18.98 -16.62 -26.86
C LEU D 269 -18.89 -17.48 -28.09
N VAL D 270 -19.00 -18.79 -27.91
CA VAL D 270 -19.09 -19.73 -29.04
C VAL D 270 -20.21 -19.25 -29.97
N GLY D 271 -21.35 -18.93 -29.39
CA GLY D 271 -22.49 -18.38 -30.13
C GLY D 271 -22.26 -17.02 -30.81
N GLY D 272 -21.12 -16.40 -30.55
CA GLY D 272 -20.69 -15.17 -31.24
C GLY D 272 -21.08 -13.93 -30.46
N GLU D 273 -21.48 -14.11 -29.21
CA GLU D 273 -21.93 -13.01 -28.35
C GLU D 273 -20.74 -12.23 -27.82
N LYS D 274 -20.97 -10.94 -27.62
CA LYS D 274 -19.98 -10.06 -27.03
C LYS D 274 -20.38 -9.98 -25.57
N LEU D 275 -19.48 -10.32 -24.66
CA LEU D 275 -19.82 -10.33 -23.26
C LEU D 275 -19.23 -9.12 -22.58
N PRO D 276 -19.78 -8.73 -21.42
CA PRO D 276 -19.03 -7.77 -20.59
C PRO D 276 -17.63 -8.28 -20.23
N LYS D 277 -16.68 -7.37 -20.08
CA LYS D 277 -15.31 -7.75 -19.65
C LYS D 277 -15.32 -8.35 -18.26
N TYR D 278 -16.10 -7.77 -17.34
CA TYR D 278 -16.21 -8.29 -15.97
C TYR D 278 -17.58 -8.86 -15.62
N LEU D 279 -17.65 -10.14 -15.25
CA LEU D 279 -18.87 -10.75 -14.77
C LEU D 279 -18.77 -11.05 -13.25
N LEU D 280 -19.27 -10.10 -12.46
CA LEU D 280 -19.23 -10.20 -11.00
C LEU D 280 -20.49 -10.82 -10.37
N VAL D 281 -20.33 -12.01 -9.80
CA VAL D 281 -21.34 -12.64 -8.97
C VAL D 281 -21.35 -12.00 -7.58
N GLU D 282 -22.52 -11.50 -7.18
CA GLU D 282 -22.60 -10.65 -6.01
C GLU D 282 -22.58 -11.53 -4.74
N PRO D 283 -21.60 -11.34 -3.87
CA PRO D 283 -21.45 -12.13 -2.69
C PRO D 283 -22.35 -11.64 -1.54
N GLN D 284 -22.78 -12.55 -0.67
CA GLN D 284 -23.63 -12.20 0.45
C GLN D 284 -23.03 -12.53 1.79
N LEU D 285 -23.29 -11.65 2.75
CA LEU D 285 -23.05 -11.87 4.19
C LEU D 285 -24.01 -12.88 4.75
N ILE D 286 -23.49 -13.94 5.34
CA ILE D 286 -24.26 -15.06 5.89
C ILE D 286 -23.75 -15.28 7.32
N THR D 287 -24.52 -14.86 8.31
CA THR D 287 -24.13 -15.07 9.70
C THR D 287 -24.71 -16.36 10.26
N ARG D 288 -24.06 -16.88 11.30
CA ARG D 288 -24.56 -18.01 12.08
C ARG D 288 -25.96 -17.73 12.65
N GLN D 289 -26.11 -16.51 13.16
CA GLN D 289 -27.41 -16.05 13.74
C GLN D 289 -28.53 -16.13 12.73
N PHE D 290 -28.27 -15.63 11.54
CA PHE D 290 -29.23 -15.79 10.43
C PHE D 290 -29.58 -17.28 10.19
N LEU D 291 -28.55 -18.13 10.09
CA LEU D 291 -28.80 -19.57 9.85
C LEU D 291 -29.59 -20.19 10.99
N VAL D 292 -29.20 -19.89 12.24
CA VAL D 292 -29.86 -20.46 13.41
C VAL D 292 -31.33 -19.98 13.51
N ASP D 293 -31.55 -18.66 13.33
CA ASP D 293 -32.88 -18.01 13.39
C ASP D 293 -33.90 -18.49 12.34
N ASN D 294 -33.41 -19.02 11.23
CA ASN D 294 -34.27 -19.47 10.15
C ASN D 294 -34.15 -20.94 9.86
N ASN D 295 -33.50 -21.68 10.77
CA ASN D 295 -33.44 -23.15 10.68
C ASN D 295 -32.90 -23.64 9.35
N ILE D 296 -31.77 -23.06 8.94
CA ILE D 296 -31.15 -23.36 7.68
C ILE D 296 -30.11 -24.42 7.94
N THR D 297 -30.25 -25.55 7.24
CA THR D 297 -29.36 -26.72 7.40
C THR D 297 -28.56 -27.12 6.17
N ASN D 298 -28.93 -26.56 5.02
CA ASN D 298 -28.29 -26.84 3.75
C ASN D 298 -28.41 -25.64 2.82
N MET D 299 -27.86 -25.79 1.62
CA MET D 299 -27.89 -24.71 0.64
C MET D 299 -29.29 -24.47 -0.01
N ASP D 300 -30.09 -25.50 -0.22
CA ASP D 300 -31.43 -25.25 -0.80
C ASP D 300 -32.20 -24.27 0.07
N GLU D 301 -32.16 -24.52 1.37
CA GLU D 301 -32.81 -23.69 2.40
C GLU D 301 -32.21 -22.28 2.49
N LEU D 302 -30.89 -22.15 2.34
CA LEU D 302 -30.32 -20.83 2.42
C LEU D 302 -30.66 -19.91 1.24
N VAL D 303 -30.65 -20.43 0.03
CA VAL D 303 -31.00 -19.63 -1.15
C VAL D 303 -32.50 -19.28 -1.08
N LYS D 304 -33.28 -20.15 -0.49
CA LYS D 304 -34.73 -19.87 -0.36
C LYS D 304 -34.89 -18.73 0.65
N ALA D 305 -34.08 -18.74 1.71
CA ALA D 305 -34.24 -17.83 2.82
C ALA D 305 -33.62 -16.48 2.51
N LEU D 306 -32.54 -16.51 1.71
CA LEU D 306 -31.85 -15.35 1.23
C LEU D 306 -31.77 -15.34 -0.29
N PRO D 307 -32.80 -14.83 -0.98
CA PRO D 307 -32.86 -15.08 -2.42
C PRO D 307 -31.83 -14.37 -3.28
N ALA D 308 -31.12 -13.38 -2.72
CA ALA D 308 -30.06 -12.70 -3.47
C ALA D 308 -28.92 -13.68 -3.87
N LEU D 309 -28.84 -14.83 -3.20
CA LEU D 309 -28.02 -15.96 -3.67
C LEU D 309 -28.55 -16.67 -4.90
N GLY D 310 -29.85 -16.54 -5.15
CA GLY D 310 -30.50 -17.19 -6.27
C GLY D 310 -29.90 -16.79 -7.61
N GLU D 311 -29.91 -17.74 -8.53
CA GLU D 311 -29.19 -17.63 -9.81
C GLU D 311 -29.43 -16.32 -10.59
N SER D 312 -28.32 -15.68 -10.93
CA SER D 312 -28.31 -14.39 -11.59
C SER D 312 -28.94 -14.48 -12.95
N ASN D 313 -29.35 -13.33 -13.48
CA ASN D 313 -29.67 -13.16 -14.88
C ASN D 313 -28.44 -12.81 -15.70
N LEU D 314 -27.23 -13.21 -15.24
CA LEU D 314 -26.04 -12.96 -16.02
C LEU D 314 -26.00 -13.88 -17.23
N VAL D 315 -25.71 -13.28 -18.38
CA VAL D 315 -25.50 -14.00 -19.62
C VAL D 315 -26.66 -14.95 -19.95
N TRP D 316 -27.83 -14.38 -20.28
CA TRP D 316 -28.92 -15.18 -20.83
C TRP D 316 -29.36 -14.61 -22.17
N PRO D 317 -28.57 -14.84 -23.22
CA PRO D 317 -29.06 -14.40 -24.51
C PRO D 317 -30.43 -15.01 -24.81
N GLU D 318 -31.06 -14.51 -25.85
CA GLU D 318 -32.39 -14.98 -26.19
C GLU D 318 -32.25 -16.40 -26.70
N TRP D 319 -31.39 -16.58 -27.71
CA TRP D 319 -31.17 -17.89 -28.32
C TRP D 319 -30.79 -18.98 -27.30
N LEU D 320 -29.86 -18.66 -26.39
CA LEU D 320 -29.41 -19.62 -25.39
C LEU D 320 -30.57 -19.92 -24.42
N LYS D 321 -31.28 -18.89 -23.99
CA LYS D 321 -32.43 -19.07 -23.09
C LYS D 321 -33.49 -19.92 -23.79
N ALA D 322 -33.75 -19.62 -25.06
CA ALA D 322 -34.73 -20.37 -25.86
C ALA D 322 -34.31 -21.83 -26.00
N LEU D 323 -33.00 -22.05 -26.14
CA LEU D 323 -32.41 -23.37 -26.37
C LEU D 323 -32.58 -24.35 -25.19
N THR D 324 -32.50 -23.84 -23.96
CA THR D 324 -32.68 -24.65 -22.75
C THR D 324 -34.15 -25.02 -22.54
N GLU D 325 -35.04 -24.12 -22.92
CA GLU D 325 -36.48 -24.39 -22.92
C GLU D 325 -36.72 -25.73 -23.64
N LYS D 326 -36.26 -25.82 -24.88
CA LYS D 326 -36.44 -27.01 -25.72
C LYS D 326 -35.92 -28.28 -25.05
N ASN D 327 -34.79 -28.16 -24.36
CA ASN D 327 -34.18 -29.28 -23.63
C ASN D 327 -34.80 -29.44 -22.26
#